data_9FXC
#
_entry.id   9FXC
#
_cell.length_a   1.00
_cell.length_b   1.00
_cell.length_c   1.00
_cell.angle_alpha   90.00
_cell.angle_beta   90.00
_cell.angle_gamma   90.00
#
_symmetry.space_group_name_H-M   'P 1'
#
loop_
_entity.id
_entity.type
_entity.pdbx_description
1 polymer 'Mycobactin import ATP-binding/permease protein IrtA'
2 polymer 'Mycobactin import ATP-binding/permease protein IrtB'
3 non-polymer 'PHOSPHOTHIOPHOSPHORIC ACID-ADENYLATE ESTER'
#
loop_
_entity_poly.entity_id
_entity_poly.type
_entity_poly.pdbx_seq_one_letter_code
_entity_poly.pdbx_strand_id
1 'polypeptide(L)'
;MSLRGLGARDHQATVVDKEYIAPHFVRVRLVSPTLFDEVIVEPTSWLRFWFPDPDGSDTEFQRAYTITESDPETGRFAVD
MVLHEPAGPASTWARTVEPGATIAVMSMGSRGFSVPEDPEDRPVGYLLIGDSASTPAINGIIEVVPHDIPIELYLEQHHD
DDVLIPLAEHPRLRVHRVSRDDASSLAAALELRDWSNWYCWAGPEAGALKQVRTRLRDEFGFPKREVYAQAYWTEGRAMG
SSRGETSTPAKPAAKTAPAKAAAKPAAASGAGTPEHAAAPAAATTGAPQAAPAPGAAQPRTPVRGRWRAEAGSRLLAPLK
KPLIVSGVLQALITLIELAPFVLLVELARLLLGGAEAERLWTLGLTAVSLIGLGAVLAAAMTLWLHRVDARFAHELRGRL
LTKLSRLPLGWFTRRGSASTKQLVQDDTLALHYLITHAIPDAVAAVVAPVAVLVYLFVADWRVALVLFIPVLVYLVLMSV
MTIQSGSKIAQAPRWAERMGGEAGAFLEGQPVIRIFGGAAASRFRRRLDDYIDFLVSWQRPFVGKKTLMDLVTRPATFLW
IILVAGVPLVVTGRMDPVNLLPFLLLGTTFGARLLGIGYGLSGIQTGMLAARRIQTVLDEPELVVRDRTGQAGTDHASGD
QARPGTVELDRVSFEYRPGVPVIRDVTLTLRPGTVTALVGPSGSGKSTLAALVARFHDVTQGAIRVDGRDIRTLTADELY
RRVGFVLQDAQLVHGSVAENIALAEPDAGLERIRTAARDAQIHDRITRMPDGYDSVLGAGSALSGGERQRVTIARAILAD
TPVLVLDEATAFADPESEYLVQQAINRLTRDRTVLVIAHRLHTITHADQIVVLDDGRIVEVGTHDELLAAGGRYRGLWDS
GRYSSPDAGRPVSADAVEVGR
;
A
2 'polypeptide(L)'
;MIRTLLRLVPAEKRGAVAGYAVLTLLSVLLRAVGAVLLIPLLAALFSDTPSDAWLWLGWLTAVTLAGWVTDTNTARLGFD
LGFAVLSRTQHDMADRLPNVAMSWFTPDNTATARQAIAATGPELAGLVVNLLTPLIGAALLPAAIGVALLFVSVPLGLAA
LAGVAVLFGALALSGRLSRAADKVAGETNSAFTERIIEFARTQQALRAARRVEPARSQVGSALAAQHGAGLRLLTMQIPG
QVLFSLAGQVALIGFAGMAVWLTVRGQLGVPEAIALIVVLVRYLEPFAAIADLAPALETTRATLNRIQAVLDAPTLPAGR
RRLDRTGAAPSIEFDDVRFSYGDEVVLDGVSFTLRPGNTTAIVGPSGSGKTTILSLIAGLQQPASGRVLLDGVDVTTLDP
EARRAAVSVVFQHPYLFDGTLRDNVLVGDPEADPDDVTAAMRLARVDELLDRLPDGDATVVGEGGTALSGGERQRVSIAR
ALLKPAPVLLVDEATSALDNANEAAVVDALTADPRPRTRVIVAHRLASIRHADRVLFVEAGRVVEDGAIDELLAAGGRFA
QFWAQQQAASEWAIGSTARALEVLFQ
;
B
#
# COMPACT_ATOMS: atom_id res chain seq x y z
N ALA A 309 -5.90 2.22 -24.87
CA ALA A 309 -5.27 3.57 -24.94
C ALA A 309 -6.33 4.64 -25.10
N GLU A 310 -7.34 4.37 -25.92
CA GLU A 310 -8.43 5.32 -26.13
C GLU A 310 -9.32 5.43 -24.91
N ALA A 311 -9.32 4.41 -24.04
CA ALA A 311 -10.15 4.45 -22.84
C ALA A 311 -9.72 5.61 -21.93
N GLY A 312 -8.41 5.81 -21.79
CA GLY A 312 -7.94 6.89 -20.94
C GLY A 312 -8.37 8.26 -21.44
N SER A 313 -8.35 8.45 -22.75
CA SER A 313 -8.76 9.73 -23.32
C SER A 313 -10.28 9.90 -23.28
N ARG A 314 -11.02 8.79 -23.38
CA ARG A 314 -12.47 8.90 -23.47
C ARG A 314 -13.08 9.44 -22.18
N LEU A 315 -12.46 9.15 -21.04
CA LEU A 315 -12.97 9.69 -19.77
C LEU A 315 -12.82 11.22 -19.73
N LEU A 316 -11.70 11.73 -20.23
CA LEU A 316 -11.42 13.15 -20.24
C LEU A 316 -11.92 13.86 -21.50
N ALA A 317 -12.80 13.22 -22.26
CA ALA A 317 -13.36 13.85 -23.45
C ALA A 317 -14.09 15.15 -23.17
N PRO A 318 -15.00 15.25 -22.20
CA PRO A 318 -15.70 16.53 -21.98
C PRO A 318 -14.78 17.68 -21.58
N LEU A 319 -13.59 17.38 -21.04
CA LEU A 319 -12.62 18.40 -20.66
C LEU A 319 -11.62 18.71 -21.76
N LYS A 320 -11.99 18.54 -23.03
CA LYS A 320 -11.10 18.88 -24.12
C LYS A 320 -10.81 20.38 -24.12
N LYS A 321 -11.84 21.20 -24.34
CA LYS A 321 -11.64 22.64 -24.49
C LYS A 321 -11.14 23.30 -23.21
N PRO A 322 -11.66 22.97 -22.01
CA PRO A 322 -11.04 23.53 -20.81
C PRO A 322 -9.58 23.18 -20.65
N LEU A 323 -9.18 21.96 -20.99
CA LEU A 323 -7.77 21.60 -20.91
C LEU A 323 -6.94 22.37 -21.91
N ILE A 324 -7.48 22.58 -23.12
CA ILE A 324 -6.73 23.36 -24.12
C ILE A 324 -6.58 24.80 -23.66
N VAL A 325 -7.64 25.38 -23.08
CA VAL A 325 -7.54 26.76 -22.59
C VAL A 325 -6.54 26.85 -21.45
N SER A 326 -6.55 25.86 -20.54
CA SER A 326 -5.57 25.85 -19.46
C SER A 326 -4.15 25.73 -20.00
N GLY A 327 -3.96 24.91 -21.04
CA GLY A 327 -2.64 24.80 -21.64
C GLY A 327 -2.19 26.10 -22.28
N VAL A 328 -3.11 26.79 -22.97
CA VAL A 328 -2.76 28.08 -23.57
C VAL A 328 -2.39 29.08 -22.49
N LEU A 329 -3.17 29.13 -21.40
CA LEU A 329 -2.86 30.06 -20.33
C LEU A 329 -1.52 29.72 -19.66
N GLN A 330 -1.21 28.42 -19.56
CA GLN A 330 0.06 28.05 -18.95
C GLN A 330 1.23 28.39 -19.87
N ALA A 331 1.05 28.24 -21.18
CA ALA A 331 2.09 28.68 -22.12
C ALA A 331 2.31 30.18 -21.99
N LEU A 332 1.22 30.95 -21.89
CA LEU A 332 1.35 32.39 -21.72
C LEU A 332 2.07 32.72 -20.41
N ILE A 333 1.74 32.01 -19.33
CA ILE A 333 2.36 32.29 -18.04
C ILE A 333 3.85 31.96 -18.07
N THR A 334 4.23 30.86 -18.72
CA THR A 334 5.65 30.53 -18.81
C THR A 334 6.39 31.54 -19.69
N LEU A 335 5.78 31.98 -20.78
CA LEU A 335 6.46 32.99 -21.61
C LEU A 335 6.59 34.32 -20.87
N ILE A 336 5.61 34.68 -20.04
CA ILE A 336 5.73 35.87 -19.21
C ILE A 336 6.80 35.67 -18.13
N GLU A 337 6.95 34.44 -17.64
CA GLU A 337 7.95 34.17 -16.62
C GLU A 337 9.36 34.43 -17.14
N LEU A 338 9.61 34.10 -18.40
CA LEU A 338 10.91 34.33 -19.02
C LEU A 338 11.06 35.75 -19.57
N ALA A 339 10.05 36.60 -19.43
CA ALA A 339 10.15 37.97 -19.92
C ALA A 339 11.25 38.78 -19.23
N PRO A 340 11.39 38.76 -17.89
CA PRO A 340 12.48 39.55 -17.29
C PRO A 340 13.87 39.16 -17.77
N PHE A 341 14.07 37.91 -18.18
CA PHE A 341 15.37 37.53 -18.74
C PHE A 341 15.60 38.09 -20.13
N VAL A 342 14.57 38.64 -20.78
CA VAL A 342 14.75 39.43 -21.99
C VAL A 342 14.84 40.91 -21.66
N LEU A 343 14.12 41.36 -20.63
CA LEU A 343 14.25 42.75 -20.21
C LEU A 343 15.65 43.04 -19.67
N LEU A 344 16.32 42.04 -19.10
CA LEU A 344 17.70 42.25 -18.66
C LEU A 344 18.64 42.42 -19.85
N VAL A 345 18.41 41.67 -20.92
CA VAL A 345 19.20 41.86 -22.13
C VAL A 345 18.96 43.25 -22.70
N GLU A 346 17.70 43.70 -22.68
CA GLU A 346 17.41 45.06 -23.12
C GLU A 346 18.07 46.08 -22.19
N LEU A 347 18.13 45.80 -20.89
CA LEU A 347 18.81 46.68 -19.96
C LEU A 347 20.29 46.78 -20.29
N ALA A 348 20.91 45.65 -20.64
CA ALA A 348 22.31 45.69 -21.05
C ALA A 348 22.48 46.49 -22.34
N ARG A 349 21.55 46.33 -23.28
CA ARG A 349 21.55 47.16 -24.48
C ARG A 349 21.43 48.63 -24.13
N LEU A 350 20.71 48.95 -23.06
CA LEU A 350 20.39 50.33 -22.73
C LEU A 350 21.52 51.01 -21.96
N LEU A 351 22.09 50.33 -20.97
CA LEU A 351 23.16 50.92 -20.16
C LEU A 351 24.39 51.23 -21.02
N LEU A 352 24.74 50.32 -21.93
CA LEU A 352 25.88 50.57 -22.81
C LEU A 352 25.63 51.79 -23.69
N GLY A 353 24.37 52.06 -24.03
CA GLY A 353 24.03 53.29 -24.73
C GLY A 353 24.07 54.52 -23.85
N GLY A 354 24.02 54.35 -22.54
CA GLY A 354 24.09 55.47 -21.63
C GLY A 354 22.94 56.44 -21.77
N ALA A 355 21.72 55.93 -21.89
CA ALA A 355 20.55 56.79 -22.11
C ALA A 355 20.10 57.39 -20.78
N GLU A 356 18.94 58.04 -20.79
CA GLU A 356 18.47 58.78 -19.63
C GLU A 356 17.89 57.83 -18.59
N ALA A 357 17.68 58.36 -17.39
CA ALA A 357 17.08 57.57 -16.32
C ALA A 357 15.64 57.19 -16.63
N GLU A 358 14.96 57.98 -17.46
CA GLU A 358 13.57 57.67 -17.81
C GLU A 358 13.48 56.36 -18.60
N ARG A 359 14.43 56.14 -19.52
CA ARG A 359 14.43 54.91 -20.30
C ARG A 359 14.74 53.68 -19.48
N LEU A 360 15.24 53.84 -18.25
CA LEU A 360 15.40 52.74 -17.31
C LEU A 360 14.22 52.63 -16.35
N TRP A 361 13.61 53.75 -15.97
CA TRP A 361 12.41 53.69 -15.15
C TRP A 361 11.28 53.00 -15.89
N THR A 362 11.14 53.28 -17.19
CA THR A 362 10.10 52.61 -17.96
C THR A 362 10.37 51.11 -18.03
N LEU A 363 11.63 50.71 -18.12
CA LEU A 363 11.95 49.28 -18.14
C LEU A 363 11.65 48.63 -16.80
N GLY A 364 11.96 49.33 -15.70
CA GLY A 364 11.59 48.80 -14.39
C GLY A 364 10.10 48.66 -14.23
N LEU A 365 9.34 49.64 -14.74
CA LEU A 365 7.89 49.53 -14.73
C LEU A 365 7.43 48.32 -15.55
N THR A 366 8.04 48.10 -16.70
CA THR A 366 7.67 46.96 -17.53
C THR A 366 7.93 45.64 -16.82
N ALA A 367 9.10 45.53 -16.16
CA ALA A 367 9.42 44.29 -15.46
C ALA A 367 8.48 44.05 -14.28
N VAL A 368 8.20 45.09 -13.51
CA VAL A 368 7.27 44.95 -12.38
C VAL A 368 5.89 44.56 -12.88
N SER A 369 5.44 45.20 -13.96
CA SER A 369 4.13 44.87 -14.52
C SER A 369 4.09 43.44 -15.03
N LEU A 370 5.16 42.98 -15.65
CA LEU A 370 5.15 41.62 -16.20
C LEU A 370 5.17 40.57 -15.09
N ILE A 371 5.94 40.77 -14.03
CA ILE A 371 5.91 39.79 -12.95
C ILE A 371 4.56 39.82 -12.25
N GLY A 372 3.97 41.01 -12.06
CA GLY A 372 2.66 41.08 -11.45
C GLY A 372 1.59 40.43 -12.30
N LEU A 373 1.65 40.63 -13.61
CA LEU A 373 0.72 39.98 -14.52
C LEU A 373 0.90 38.47 -14.50
N GLY A 374 2.15 38.01 -14.43
CA GLY A 374 2.38 36.57 -14.32
C GLY A 374 1.77 35.98 -13.07
N ALA A 375 1.97 36.66 -11.93
CA ALA A 375 1.38 36.16 -10.68
C ALA A 375 -0.14 36.16 -10.73
N VAL A 376 -0.73 37.24 -11.25
CA VAL A 376 -2.19 37.34 -11.32
C VAL A 376 -2.75 36.29 -12.27
N LEU A 377 -2.11 36.10 -13.42
CA LEU A 377 -2.58 35.08 -14.36
C LEU A 377 -2.45 33.69 -13.76
N ALA A 378 -1.36 33.41 -13.04
CA ALA A 378 -1.22 32.11 -12.40
C ALA A 378 -2.32 31.88 -11.37
N ALA A 379 -2.61 32.89 -10.56
CA ALA A 379 -3.66 32.76 -9.55
C ALA A 379 -5.03 32.55 -10.21
N ALA A 380 -5.34 33.35 -11.24
CA ALA A 380 -6.63 33.21 -11.91
C ALA A 380 -6.75 31.87 -12.61
N MET A 381 -5.69 31.42 -13.28
CA MET A 381 -5.73 30.15 -13.99
C MET A 381 -5.88 28.99 -13.02
N THR A 382 -5.15 29.00 -11.90
CA THR A 382 -5.28 27.88 -10.98
C THR A 382 -6.62 27.91 -10.27
N LEU A 383 -7.19 29.09 -10.02
CA LEU A 383 -8.54 29.15 -9.46
C LEU A 383 -9.55 28.57 -10.42
N TRP A 384 -9.51 28.99 -11.68
CA TRP A 384 -10.45 28.48 -12.68
C TRP A 384 -10.26 26.99 -12.90
N LEU A 385 -9.01 26.53 -12.92
CA LEU A 385 -8.74 25.12 -13.14
C LEU A 385 -9.22 24.28 -11.97
N HIS A 386 -9.04 24.77 -10.74
CA HIS A 386 -9.56 24.04 -9.58
C HIS A 386 -11.09 24.01 -9.62
N ARG A 387 -11.72 25.10 -10.03
CA ARG A 387 -13.17 25.11 -10.11
C ARG A 387 -13.67 24.12 -11.16
N VAL A 388 -13.03 24.09 -12.33
CA VAL A 388 -13.43 23.13 -13.37
C VAL A 388 -13.15 21.70 -12.91
N ASP A 389 -12.04 21.50 -12.20
CA ASP A 389 -11.70 20.18 -11.70
C ASP A 389 -12.74 19.68 -10.71
N ALA A 390 -13.17 20.56 -9.79
CA ALA A 390 -14.21 20.17 -8.85
C ALA A 390 -15.52 19.89 -9.57
N ARG A 391 -15.86 20.72 -10.56
CA ARG A 391 -17.10 20.52 -11.31
C ARG A 391 -17.09 19.17 -12.03
N PHE A 392 -15.95 18.80 -12.61
CA PHE A 392 -15.88 17.52 -13.32
C PHE A 392 -15.81 16.35 -12.35
N ALA A 393 -15.09 16.51 -11.23
CA ALA A 393 -14.94 15.42 -10.29
C ALA A 393 -16.26 15.08 -9.62
N HIS A 394 -17.08 16.10 -9.33
CA HIS A 394 -18.40 15.83 -8.77
C HIS A 394 -19.24 15.04 -9.75
N GLU A 395 -19.19 15.40 -11.04
CA GLU A 395 -19.91 14.65 -12.06
C GLU A 395 -19.40 13.22 -12.13
N LEU A 396 -18.08 13.04 -12.04
CA LEU A 396 -17.51 11.70 -12.10
C LEU A 396 -17.95 10.85 -10.91
N ARG A 397 -17.97 11.43 -9.72
CA ARG A 397 -18.42 10.68 -8.55
C ARG A 397 -19.91 10.35 -8.66
N GLY A 398 -20.70 11.28 -9.19
CA GLY A 398 -22.10 10.99 -9.42
C GLY A 398 -22.31 9.86 -10.41
N ARG A 399 -21.45 9.79 -11.44
CA ARG A 399 -21.58 8.71 -12.43
C ARG A 399 -21.04 7.39 -11.90
N LEU A 400 -20.06 7.41 -11.00
CA LEU A 400 -19.60 6.18 -10.38
C LEU A 400 -20.58 5.67 -9.34
N LEU A 401 -21.35 6.57 -8.72
CA LEU A 401 -22.34 6.15 -7.74
C LEU A 401 -23.41 5.27 -8.41
N THR A 402 -23.89 5.68 -9.58
CA THR A 402 -24.91 4.91 -10.26
C THR A 402 -24.37 3.59 -10.77
N LYS A 403 -23.11 3.56 -11.22
CA LYS A 403 -22.52 2.33 -11.71
C LYS A 403 -22.40 1.29 -10.59
N LEU A 404 -22.02 1.73 -9.40
CA LEU A 404 -21.93 0.80 -8.27
C LEU A 404 -23.31 0.25 -7.91
N SER A 405 -24.38 0.96 -8.25
CA SER A 405 -25.74 0.49 -8.02
C SER A 405 -26.31 -0.30 -9.20
N ARG A 406 -25.48 -0.62 -10.21
CA ARG A 406 -25.91 -1.47 -11.31
C ARG A 406 -24.88 -2.51 -11.73
N LEU A 407 -23.69 -2.54 -11.16
CA LEU A 407 -22.78 -3.64 -11.40
C LEU A 407 -23.33 -4.90 -10.74
N PRO A 408 -23.05 -6.10 -11.27
CA PRO A 408 -23.53 -7.30 -10.61
C PRO A 408 -22.86 -7.49 -9.27
N LEU A 409 -23.57 -8.13 -8.33
CA LEU A 409 -23.06 -8.28 -6.98
C LEU A 409 -21.76 -9.08 -6.95
N GLY A 410 -21.55 -9.96 -7.93
CA GLY A 410 -20.31 -10.70 -8.01
C GLY A 410 -19.11 -9.85 -8.37
N TRP A 411 -19.34 -8.68 -8.98
CA TRP A 411 -18.23 -7.79 -9.30
C TRP A 411 -17.52 -7.31 -8.03
N PHE A 412 -18.25 -7.17 -6.94
CA PHE A 412 -17.66 -6.68 -5.70
C PHE A 412 -16.86 -7.75 -4.96
N THR A 413 -17.03 -9.03 -5.32
CA THR A 413 -16.22 -10.12 -4.80
C THR A 413 -15.04 -10.44 -5.70
N ARG A 414 -14.52 -9.45 -6.41
CA ARG A 414 -13.42 -9.65 -7.34
C ARG A 414 -12.13 -9.99 -6.59
N ARG A 415 -11.17 -10.55 -7.34
CA ARG A 415 -9.80 -10.64 -6.87
C ARG A 415 -8.89 -10.60 -8.11
N GLY A 416 -7.63 -10.27 -7.87
CA GLY A 416 -6.73 -9.99 -8.97
C GLY A 416 -6.94 -8.63 -9.59
N SER A 417 -7.58 -7.72 -8.86
CA SER A 417 -7.83 -6.36 -9.35
C SER A 417 -7.94 -5.43 -8.16
N ALA A 418 -7.79 -4.13 -8.44
CA ALA A 418 -7.74 -3.14 -7.38
C ALA A 418 -9.08 -3.06 -6.64
N SER A 419 -9.00 -2.87 -5.32
CA SER A 419 -10.19 -2.75 -4.49
C SER A 419 -10.92 -1.46 -4.80
N THR A 420 -12.16 -1.36 -4.28
CA THR A 420 -12.97 -0.17 -4.51
C THR A 420 -12.31 1.07 -3.89
N LYS A 421 -11.57 0.88 -2.80
CA LYS A 421 -10.87 1.99 -2.15
C LYS A 421 -9.92 2.69 -3.11
N GLN A 422 -8.94 1.94 -3.63
CA GLN A 422 -8.00 2.51 -4.60
C GLN A 422 -8.72 2.99 -5.84
N LEU A 423 -9.87 2.39 -6.15
CA LEU A 423 -10.54 2.59 -7.43
C LEU A 423 -11.40 3.85 -7.47
N VAL A 424 -11.89 4.32 -6.33
CA VAL A 424 -12.74 5.50 -6.25
C VAL A 424 -12.07 6.64 -5.47
N GLN A 425 -11.32 6.29 -4.42
CA GLN A 425 -10.68 7.33 -3.61
C GLN A 425 -9.36 7.78 -4.23
N ASP A 426 -8.45 6.84 -4.45
CA ASP A 426 -7.11 7.20 -4.91
C ASP A 426 -7.11 7.59 -6.39
N ASP A 427 -7.91 6.91 -7.21
CA ASP A 427 -7.90 7.20 -8.64
C ASP A 427 -8.57 8.53 -8.95
N THR A 428 -9.64 8.87 -8.23
CA THR A 428 -10.25 10.18 -8.40
C THR A 428 -9.30 11.28 -7.97
N LEU A 429 -8.55 11.07 -6.89
CA LEU A 429 -7.52 12.02 -6.49
C LEU A 429 -6.43 12.14 -7.55
N ALA A 430 -6.07 11.01 -8.17
CA ALA A 430 -5.09 11.05 -9.24
C ALA A 430 -5.60 11.85 -10.42
N LEU A 431 -6.88 11.71 -10.76
CA LEU A 431 -7.46 12.53 -11.82
C LEU A 431 -7.47 14.00 -11.44
N HIS A 432 -7.75 14.31 -10.18
CA HIS A 432 -7.69 15.69 -9.71
C HIS A 432 -6.30 16.27 -9.92
N TYR A 433 -5.27 15.51 -9.52
CA TYR A 433 -3.90 15.96 -9.71
C TYR A 433 -3.55 16.06 -11.19
N LEU A 434 -4.07 15.15 -12.02
CA LEU A 434 -3.83 15.23 -13.46
C LEU A 434 -4.37 16.52 -14.03
N ILE A 435 -5.61 16.86 -13.68
CA ILE A 435 -6.25 18.04 -14.27
C ILE A 435 -5.60 19.31 -13.74
N THR A 436 -5.32 19.37 -12.45
CA THR A 436 -4.91 20.63 -11.83
C THR A 436 -3.41 20.87 -11.85
N HIS A 437 -2.58 19.82 -11.74
CA HIS A 437 -1.14 19.94 -11.61
C HIS A 437 -0.38 19.37 -12.79
N ALA A 438 -0.62 18.11 -13.15
CA ALA A 438 0.27 17.41 -14.07
C ALA A 438 0.23 18.02 -15.47
N ILE A 439 -0.97 18.26 -16.00
CA ILE A 439 -1.08 18.84 -17.33
C ILE A 439 -0.49 20.25 -17.39
N PRO A 440 -0.88 21.20 -16.52
CA PRO A 440 -0.23 22.51 -16.57
C PRO A 440 1.27 22.47 -16.33
N ASP A 441 1.74 21.63 -15.41
CA ASP A 441 3.18 21.55 -15.16
C ASP A 441 3.92 21.01 -16.38
N ALA A 442 3.35 20.00 -17.05
CA ALA A 442 3.99 19.46 -18.24
C ALA A 442 3.98 20.46 -19.38
N VAL A 443 2.87 21.20 -19.54
CA VAL A 443 2.82 22.24 -20.56
C VAL A 443 3.88 23.30 -20.29
N ALA A 444 4.07 23.67 -19.03
CA ALA A 444 5.13 24.61 -18.68
C ALA A 444 6.50 24.04 -19.02
N ALA A 445 6.74 22.78 -18.64
CA ALA A 445 8.04 22.16 -18.85
C ALA A 445 8.35 21.93 -20.32
N VAL A 446 7.33 21.93 -21.18
CA VAL A 446 7.55 21.82 -22.63
C VAL A 446 7.69 23.19 -23.26
N VAL A 447 6.91 24.17 -22.81
CA VAL A 447 6.95 25.50 -23.42
C VAL A 447 8.25 26.23 -23.07
N ALA A 448 8.73 26.06 -21.84
CA ALA A 448 9.93 26.79 -21.42
C ALA A 448 11.15 26.44 -22.26
N PRO A 449 11.55 25.18 -22.43
CA PRO A 449 12.74 24.91 -23.26
C PRO A 449 12.57 25.30 -24.71
N VAL A 450 11.36 25.14 -25.28
CA VAL A 450 11.15 25.52 -26.67
C VAL A 450 11.29 27.02 -26.84
N ALA A 451 10.68 27.80 -25.95
CA ALA A 451 10.79 29.25 -26.02
C ALA A 451 12.24 29.69 -25.83
N VAL A 452 12.95 29.06 -24.88
CA VAL A 452 14.34 29.41 -24.65
C VAL A 452 15.17 29.11 -25.90
N LEU A 453 14.94 27.94 -26.52
CA LEU A 453 15.69 27.58 -27.72
C LEU A 453 15.42 28.56 -28.85
N VAL A 454 14.15 28.94 -29.05
CA VAL A 454 13.82 29.87 -30.12
C VAL A 454 14.48 31.21 -29.87
N TYR A 455 14.45 31.68 -28.62
CA TYR A 455 15.06 32.97 -28.32
C TYR A 455 16.58 32.93 -28.52
N LEU A 456 17.23 31.85 -28.09
CA LEU A 456 18.67 31.74 -28.28
C LEU A 456 19.03 31.68 -29.76
N PHE A 457 18.26 30.94 -30.55
CA PHE A 457 18.53 30.88 -31.99
C PHE A 457 18.31 32.24 -32.64
N VAL A 458 17.31 32.99 -32.17
CA VAL A 458 17.08 34.32 -32.69
C VAL A 458 18.24 35.26 -32.31
N ALA A 459 18.81 35.07 -31.12
CA ALA A 459 19.91 35.91 -30.68
C ALA A 459 21.11 35.75 -31.59
N ASP A 460 21.70 34.55 -31.64
CA ASP A 460 22.83 34.29 -32.50
C ASP A 460 22.91 32.79 -32.75
N TRP A 461 22.62 32.38 -33.99
CA TRP A 461 22.56 30.95 -34.30
C TRP A 461 23.92 30.28 -34.16
N ARG A 462 25.02 31.04 -34.34
CA ARG A 462 26.35 30.43 -34.27
C ARG A 462 26.63 29.88 -32.89
N VAL A 463 26.26 30.63 -31.84
CA VAL A 463 26.45 30.16 -30.47
C VAL A 463 25.28 29.30 -30.00
N ALA A 464 24.14 29.34 -30.68
CA ALA A 464 23.03 28.47 -30.31
C ALA A 464 23.30 27.02 -30.71
N LEU A 465 24.06 26.80 -31.79
CA LEU A 465 24.31 25.45 -32.25
C LEU A 465 25.23 24.69 -31.31
N VAL A 466 26.21 25.36 -30.69
CA VAL A 466 27.14 24.65 -29.82
C VAL A 466 26.47 24.10 -28.58
N LEU A 467 25.28 24.59 -28.22
CA LEU A 467 24.53 23.99 -27.13
C LEU A 467 23.95 22.63 -27.49
N PHE A 468 23.94 22.25 -28.77
CA PHE A 468 23.57 20.90 -29.15
C PHE A 468 24.70 19.89 -28.95
N ILE A 469 25.92 20.34 -28.74
CA ILE A 469 27.01 19.41 -28.45
C ILE A 469 26.71 18.70 -27.13
N PRO A 470 26.61 19.40 -25.99
CA PRO A 470 26.32 18.68 -24.74
C PRO A 470 24.96 17.99 -24.75
N VAL A 471 23.94 18.58 -25.37
CA VAL A 471 22.63 17.96 -25.39
C VAL A 471 22.66 16.67 -26.20
N LEU A 472 23.30 16.68 -27.37
CA LEU A 472 23.36 15.47 -28.17
C LEU A 472 24.25 14.42 -27.53
N VAL A 473 25.32 14.83 -26.84
CA VAL A 473 26.13 13.84 -26.12
C VAL A 473 25.33 13.22 -24.98
N TYR A 474 24.52 14.03 -24.29
CA TYR A 474 23.65 13.52 -23.23
C TYR A 474 22.66 12.51 -23.80
N LEU A 475 22.05 12.84 -24.94
CA LEU A 475 21.13 11.91 -25.58
C LEU A 475 21.84 10.63 -26.02
N VAL A 476 23.06 10.75 -26.55
CA VAL A 476 23.78 9.58 -27.04
C VAL A 476 24.10 8.65 -25.88
N LEU A 477 24.62 9.20 -24.78
CA LEU A 477 24.95 8.36 -23.64
C LEU A 477 23.69 7.75 -23.03
N MET A 478 22.59 8.51 -22.98
CA MET A 478 21.33 7.96 -22.48
C MET A 478 20.87 6.79 -23.32
N SER A 479 20.93 6.94 -24.65
CA SER A 479 20.49 5.88 -25.54
C SER A 479 21.38 4.65 -25.40
N VAL A 480 22.70 4.85 -25.29
CA VAL A 480 23.62 3.72 -25.14
C VAL A 480 23.32 2.98 -23.84
N MET A 481 23.12 3.72 -22.75
CA MET A 481 22.80 3.08 -21.48
C MET A 481 21.48 2.33 -21.57
N THR A 482 20.48 2.92 -22.21
CA THR A 482 19.16 2.29 -22.27
C THR A 482 19.19 1.00 -23.08
N ILE A 483 19.82 1.03 -24.26
CA ILE A 483 19.86 -0.18 -25.08
C ILE A 483 20.75 -1.23 -24.43
N GLN A 484 21.84 -0.81 -23.79
CA GLN A 484 22.74 -1.78 -23.17
C GLN A 484 22.11 -2.45 -21.96
N SER A 485 21.10 -1.82 -21.34
CA SER A 485 20.47 -2.33 -20.13
C SER A 485 18.98 -2.63 -20.35
N GLY A 486 18.60 -3.03 -21.55
CA GLY A 486 17.19 -3.31 -21.82
C GLY A 486 16.68 -4.50 -21.05
N SER A 487 17.45 -5.59 -21.01
CA SER A 487 17.01 -6.79 -20.30
C SER A 487 16.88 -6.53 -18.81
N LYS A 488 17.88 -5.88 -18.22
CA LYS A 488 17.84 -5.64 -16.78
C LYS A 488 16.70 -4.70 -16.40
N ILE A 489 16.53 -3.60 -17.14
CA ILE A 489 15.47 -2.66 -16.79
C ILE A 489 14.09 -3.28 -17.04
N ALA A 490 13.99 -4.17 -18.04
CA ALA A 490 12.75 -4.91 -18.21
C ALA A 490 12.49 -5.84 -17.05
N GLN A 491 13.54 -6.46 -16.51
CA GLN A 491 13.42 -7.42 -15.42
C GLN A 491 13.26 -6.76 -14.05
N ALA A 492 13.57 -5.46 -13.93
CA ALA A 492 13.61 -4.83 -12.62
C ALA A 492 12.29 -4.85 -11.87
N PRO A 493 11.13 -4.52 -12.47
CA PRO A 493 9.88 -4.56 -11.70
C PRO A 493 9.54 -5.94 -11.17
N ARG A 494 9.88 -7.00 -11.90
CA ARG A 494 9.65 -8.35 -11.41
C ARG A 494 10.45 -8.63 -10.15
N TRP A 495 11.71 -8.20 -10.12
CA TRP A 495 12.50 -8.33 -8.91
C TRP A 495 11.90 -7.51 -7.78
N ALA A 496 11.36 -6.33 -8.09
CA ALA A 496 10.79 -5.48 -7.06
C ALA A 496 9.57 -6.14 -6.41
N GLU A 497 8.64 -6.64 -7.22
CA GLU A 497 7.46 -7.28 -6.65
C GLU A 497 7.83 -8.60 -5.97
N ARG A 498 8.81 -9.33 -6.49
CA ARG A 498 9.26 -10.55 -5.83
C ARG A 498 9.81 -10.24 -4.45
N MET A 499 10.63 -9.20 -4.34
CA MET A 499 11.19 -8.82 -3.05
C MET A 499 10.11 -8.30 -2.11
N GLY A 500 9.12 -7.59 -2.64
CA GLY A 500 8.01 -7.15 -1.80
C GLY A 500 7.24 -8.32 -1.21
N GLY A 501 6.92 -9.30 -2.07
CA GLY A 501 6.25 -10.49 -1.58
C GLY A 501 7.07 -11.26 -0.57
N GLU A 502 8.38 -11.38 -0.82
CA GLU A 502 9.24 -12.08 0.12
C GLU A 502 9.34 -11.35 1.45
N ALA A 503 9.38 -10.02 1.42
CA ALA A 503 9.39 -9.25 2.65
C ALA A 503 8.09 -9.44 3.43
N GLY A 504 6.96 -9.42 2.72
CA GLY A 504 5.69 -9.70 3.38
C GLY A 504 5.65 -11.08 4.01
N ALA A 505 6.16 -12.08 3.30
CA ALA A 505 6.20 -13.43 3.86
C ALA A 505 7.12 -13.49 5.08
N PHE A 506 8.27 -12.83 5.03
CA PHE A 506 9.19 -12.84 6.16
C PHE A 506 8.57 -12.18 7.37
N LEU A 507 7.85 -11.08 7.17
CA LEU A 507 7.21 -10.41 8.29
C LEU A 507 6.03 -11.24 8.82
N GLU A 508 5.30 -11.92 7.94
CA GLU A 508 4.19 -12.75 8.39
C GLU A 508 4.66 -13.91 9.25
N GLY A 509 5.76 -14.56 8.86
CA GLY A 509 6.25 -15.73 9.56
C GLY A 509 7.20 -15.42 10.70
N GLN A 510 7.00 -14.29 11.37
CA GLN A 510 7.86 -13.91 12.48
C GLN A 510 7.80 -14.89 13.65
N PRO A 511 6.63 -15.32 14.13
CA PRO A 511 6.62 -16.22 15.31
C PRO A 511 7.38 -17.52 15.10
N VAL A 512 7.34 -18.07 13.89
CA VAL A 512 8.07 -19.31 13.61
C VAL A 512 9.57 -19.08 13.79
N ILE A 513 10.07 -17.95 13.29
CA ILE A 513 11.46 -17.58 13.53
C ILE A 513 11.70 -17.39 15.01
N ARG A 514 10.73 -16.83 15.72
CA ARG A 514 10.89 -16.55 17.14
C ARG A 514 11.11 -17.82 17.94
N ILE A 515 10.33 -18.86 17.65
CA ILE A 515 10.39 -20.10 18.42
C ILE A 515 11.28 -21.10 17.70
N PHE A 516 10.90 -21.49 16.49
CA PHE A 516 11.62 -22.54 15.78
C PHE A 516 12.92 -22.03 15.18
N GLY A 517 12.93 -20.81 14.68
CA GLY A 517 14.14 -20.28 14.07
C GLY A 517 14.49 -21.06 12.81
N GLY A 518 15.74 -21.51 12.74
CA GLY A 518 16.19 -22.30 11.62
C GLY A 518 16.61 -21.46 10.42
N ALA A 519 16.39 -21.98 9.22
CA ALA A 519 16.78 -21.31 7.99
C ALA A 519 15.73 -20.33 7.48
N ALA A 520 14.73 -19.99 8.30
CA ALA A 520 13.71 -19.04 7.87
C ALA A 520 14.32 -17.67 7.59
N ALA A 521 15.23 -17.22 8.45
CA ALA A 521 15.88 -15.93 8.22
C ALA A 521 16.83 -15.99 7.04
N SER A 522 17.58 -17.08 6.90
CA SER A 522 18.55 -17.20 5.81
C SER A 522 17.85 -17.24 4.46
N ARG A 523 16.65 -17.79 4.39
CA ARG A 523 15.92 -17.84 3.13
C ARG A 523 15.59 -16.45 2.62
N PHE A 524 15.16 -15.55 3.52
CA PHE A 524 14.90 -14.17 3.13
C PHE A 524 16.21 -13.42 2.90
N ARG A 525 17.24 -13.72 3.69
CA ARG A 525 18.51 -13.01 3.53
C ARG A 525 19.15 -13.32 2.18
N ARG A 526 19.00 -14.56 1.69
CA ARG A 526 19.52 -14.87 0.37
C ARG A 526 18.80 -14.08 -0.71
N ARG A 527 17.48 -13.94 -0.59
CA ARG A 527 16.73 -13.13 -1.56
C ARG A 527 17.18 -11.68 -1.50
N LEU A 528 17.36 -11.14 -0.29
CA LEU A 528 17.81 -9.75 -0.16
C LEU A 528 19.20 -9.56 -0.75
N ASP A 529 20.12 -10.48 -0.48
CA ASP A 529 21.47 -10.37 -1.03
C ASP A 529 21.45 -10.49 -2.54
N ASP A 530 20.61 -11.38 -3.07
CA ASP A 530 20.49 -11.49 -4.52
C ASP A 530 19.96 -10.21 -5.12
N TYR A 531 18.98 -9.58 -4.47
CA TYR A 531 18.44 -8.32 -4.98
C TYR A 531 19.50 -7.22 -4.97
N ILE A 532 20.27 -7.13 -3.88
CA ILE A 532 21.31 -6.10 -3.80
C ILE A 532 22.38 -6.36 -4.85
N ASP A 533 22.78 -7.62 -5.02
CA ASP A 533 23.78 -7.94 -6.03
C ASP A 533 23.27 -7.66 -7.42
N PHE A 534 21.98 -7.92 -7.67
CA PHE A 534 21.39 -7.61 -8.97
C PHE A 534 21.44 -6.12 -9.23
N LEU A 535 21.08 -5.30 -8.24
CA LEU A 535 21.14 -3.86 -8.42
C LEU A 535 22.57 -3.39 -8.67
N VAL A 536 23.54 -3.93 -7.92
CA VAL A 536 24.93 -3.51 -8.08
C VAL A 536 25.44 -3.88 -9.47
N SER A 537 25.23 -5.14 -9.88
CA SER A 537 25.68 -5.57 -11.20
C SER A 537 24.95 -4.84 -12.31
N TRP A 538 23.73 -4.38 -12.06
CA TRP A 538 23.01 -3.62 -13.06
C TRP A 538 23.58 -2.22 -13.20
N GLN A 539 23.89 -1.55 -12.08
CA GLN A 539 24.27 -0.14 -12.10
C GLN A 539 25.78 0.08 -12.05
N ARG A 540 26.57 -0.89 -11.58
CA ARG A 540 28.01 -0.69 -11.51
C ARG A 540 28.66 -0.46 -12.87
N PRO A 541 28.42 -1.28 -13.90
CA PRO A 541 29.09 -1.02 -15.18
C PRO A 541 28.71 0.30 -15.83
N PHE A 542 27.58 0.90 -15.47
CA PHE A 542 27.15 2.18 -16.01
C PHE A 542 27.52 3.35 -15.10
N VAL A 543 28.58 3.21 -14.30
CA VAL A 543 29.06 4.33 -13.51
C VAL A 543 29.69 5.39 -14.41
N GLY A 544 30.55 4.96 -15.34
CA GLY A 544 31.23 5.92 -16.19
C GLY A 544 30.27 6.67 -17.11
N LYS A 545 29.36 5.94 -17.75
CA LYS A 545 28.39 6.58 -18.63
C LYS A 545 27.53 7.56 -17.85
N LYS A 546 27.04 7.13 -16.69
CA LYS A 546 26.15 7.99 -15.91
C LYS A 546 26.86 9.24 -15.41
N THR A 547 28.09 9.10 -14.92
CA THR A 547 28.78 10.27 -14.38
C THR A 547 29.19 11.23 -15.49
N LEU A 548 29.65 10.70 -16.64
CA LEU A 548 30.00 11.59 -17.75
C LEU A 548 28.76 12.31 -18.25
N MET A 549 27.63 11.61 -18.36
CA MET A 549 26.40 12.22 -18.82
C MET A 549 25.95 13.30 -17.85
N ASP A 550 26.11 13.05 -16.54
CA ASP A 550 25.79 14.07 -15.55
C ASP A 550 26.69 15.29 -15.68
N LEU A 551 27.99 15.06 -15.92
CA LEU A 551 28.90 16.19 -16.06
C LEU A 551 28.58 17.04 -17.28
N VAL A 552 28.18 16.41 -18.39
CA VAL A 552 28.02 17.15 -19.64
C VAL A 552 26.90 18.19 -19.52
N THR A 553 25.81 17.83 -18.84
CA THR A 553 24.64 18.69 -18.80
C THR A 553 24.66 19.70 -17.64
N ARG A 554 25.74 19.76 -16.87
CA ARG A 554 25.77 20.68 -15.75
C ARG A 554 25.79 22.12 -16.25
N PRO A 555 25.28 23.08 -15.46
CA PRO A 555 25.32 24.48 -15.93
C PRO A 555 26.72 25.01 -16.16
N ALA A 556 27.70 24.57 -15.38
CA ALA A 556 29.06 25.08 -15.55
C ALA A 556 29.64 24.69 -16.90
N THR A 557 29.39 23.45 -17.34
CA THR A 557 29.86 23.03 -18.65
C THR A 557 29.19 23.84 -19.75
N PHE A 558 27.90 24.11 -19.61
CA PHE A 558 27.21 24.95 -20.60
C PHE A 558 27.81 26.34 -20.63
N LEU A 559 28.12 26.91 -19.47
CA LEU A 559 28.73 28.23 -19.42
C LEU A 559 30.09 28.23 -20.10
N TRP A 560 30.91 27.20 -19.84
CA TRP A 560 32.22 27.14 -20.47
C TRP A 560 32.11 27.01 -21.98
N ILE A 561 31.18 26.17 -22.44
CA ILE A 561 30.99 26.02 -23.89
C ILE A 561 30.51 27.32 -24.49
N ILE A 562 29.59 28.01 -23.81
CA ILE A 562 29.07 29.28 -24.31
C ILE A 562 30.21 30.28 -24.46
N LEU A 563 31.06 30.38 -23.44
CA LEU A 563 32.13 31.38 -23.51
C LEU A 563 33.19 30.99 -24.53
N VAL A 564 33.53 29.71 -24.63
CA VAL A 564 34.54 29.29 -25.59
C VAL A 564 34.03 29.48 -27.02
N ALA A 565 32.71 29.38 -27.23
CA ALA A 565 32.14 29.62 -28.55
C ALA A 565 31.80 31.08 -28.82
N GLY A 566 31.74 31.91 -27.78
CA GLY A 566 31.37 33.31 -27.94
C GLY A 566 32.53 34.29 -27.94
N VAL A 567 33.51 34.08 -27.07
CA VAL A 567 34.66 34.99 -27.01
C VAL A 567 35.42 35.02 -28.32
N PRO A 568 35.68 33.90 -29.01
CA PRO A 568 36.30 34.01 -30.34
C PRO A 568 35.48 34.83 -31.32
N LEU A 569 34.15 34.73 -31.26
CA LEU A 569 33.31 35.53 -32.16
C LEU A 569 33.30 37.00 -31.74
N VAL A 570 33.22 37.25 -30.43
CA VAL A 570 33.12 38.63 -29.96
C VAL A 570 34.43 39.37 -30.18
N VAL A 571 35.56 38.72 -29.90
CA VAL A 571 36.86 39.38 -30.03
C VAL A 571 37.16 39.68 -31.49
N THR A 572 36.77 38.78 -32.39
CA THR A 572 37.02 38.99 -33.82
C THR A 572 36.03 39.96 -34.46
N GLY A 573 35.02 40.42 -33.73
CA GLY A 573 34.06 41.36 -34.27
C GLY A 573 32.92 40.74 -35.04
N ARG A 574 32.84 39.41 -35.12
CA ARG A 574 31.75 38.75 -35.81
C ARG A 574 30.46 38.70 -35.01
N MET A 575 30.47 39.16 -33.76
CA MET A 575 29.32 39.05 -32.87
C MET A 575 29.24 40.28 -31.98
N ASP A 576 28.02 40.76 -31.79
CA ASP A 576 27.81 41.85 -30.85
C ASP A 576 27.95 41.31 -29.43
N PRO A 577 28.75 41.95 -28.55
CA PRO A 577 28.89 41.38 -27.20
C PRO A 577 27.60 41.34 -26.41
N VAL A 578 26.63 42.20 -26.74
CA VAL A 578 25.34 42.16 -26.05
C VAL A 578 24.56 40.91 -26.47
N ASN A 579 24.70 40.48 -27.73
CA ASN A 579 23.97 39.31 -28.20
C ASN A 579 24.39 38.03 -27.49
N LEU A 580 25.56 38.01 -26.86
CA LEU A 580 25.97 36.85 -26.07
C LEU A 580 25.26 36.80 -24.72
N LEU A 581 24.73 37.91 -24.23
CA LEU A 581 24.11 37.92 -22.91
C LEU A 581 22.89 37.01 -22.79
N PRO A 582 22.02 36.88 -23.79
CA PRO A 582 20.95 35.87 -23.70
C PRO A 582 21.45 34.47 -23.40
N PHE A 583 22.57 34.07 -24.00
CA PHE A 583 23.11 32.74 -23.75
C PHE A 583 23.58 32.60 -22.32
N LEU A 584 24.25 33.63 -21.80
CA LEU A 584 24.73 33.59 -20.42
C LEU A 584 23.59 33.66 -19.42
N LEU A 585 22.47 34.29 -19.79
CA LEU A 585 21.35 34.42 -18.86
C LEU A 585 20.50 33.16 -18.84
N LEU A 586 19.98 32.76 -20.00
CA LEU A 586 19.00 31.69 -20.11
C LEU A 586 19.59 30.38 -20.61
N GLY A 587 20.56 30.42 -21.52
CA GLY A 587 21.01 29.20 -22.17
C GLY A 587 21.87 28.31 -21.31
N THR A 588 22.48 28.85 -20.24
CA THR A 588 23.39 28.04 -19.45
C THR A 588 22.67 26.95 -18.65
N THR A 589 21.43 27.21 -18.24
CA THR A 589 20.64 26.26 -17.48
C THR A 589 19.78 25.37 -18.36
N PHE A 590 20.07 25.32 -19.66
CA PHE A 590 19.21 24.61 -20.60
C PHE A 590 19.18 23.11 -20.32
N GLY A 591 20.26 22.57 -19.76
CA GLY A 591 20.30 21.14 -19.47
C GLY A 591 19.27 20.73 -18.44
N ALA A 592 19.18 21.50 -17.35
CA ALA A 592 18.18 21.19 -16.32
C ALA A 592 16.76 21.39 -16.86
N ARG A 593 16.58 22.30 -17.81
CA ARG A 593 15.24 22.48 -18.39
C ARG A 593 14.87 21.32 -19.29
N LEU A 594 15.82 20.81 -20.07
CA LEU A 594 15.53 19.64 -20.91
C LEU A 594 15.36 18.38 -20.07
N LEU A 595 16.05 18.29 -18.93
CA LEU A 595 15.86 17.14 -18.04
C LEU A 595 14.49 17.15 -17.36
N GLY A 596 13.81 18.29 -17.32
CA GLY A 596 12.53 18.39 -16.64
C GLY A 596 11.33 17.94 -17.43
N ILE A 597 11.48 17.72 -18.74
CA ILE A 597 10.35 17.29 -19.56
C ILE A 597 9.88 15.90 -19.13
N GLY A 598 10.84 15.02 -18.82
CA GLY A 598 10.49 13.66 -18.43
C GLY A 598 9.64 13.60 -17.18
N TYR A 599 9.89 14.52 -16.24
CA TYR A 599 9.09 14.53 -15.01
C TYR A 599 7.64 14.87 -15.31
N GLY A 600 7.40 15.87 -16.15
CA GLY A 600 6.03 16.20 -16.52
C GLY A 600 5.35 15.10 -17.29
N LEU A 601 6.07 14.47 -18.21
CA LEU A 601 5.48 13.36 -18.96
C LEU A 601 5.16 12.18 -18.03
N SER A 602 6.02 11.93 -17.05
CA SER A 602 5.75 10.90 -16.06
C SER A 602 4.50 11.23 -15.26
N GLY A 603 4.33 12.51 -14.89
CA GLY A 603 3.12 12.90 -14.18
C GLY A 603 1.87 12.67 -15.01
N ILE A 604 1.92 13.03 -16.30
CA ILE A 604 0.76 12.80 -17.17
C ILE A 604 0.48 11.32 -17.28
N GLN A 605 1.51 10.49 -17.42
CA GLN A 605 1.32 9.05 -17.53
C GLN A 605 0.68 8.49 -16.26
N THR A 606 1.15 8.96 -15.10
CA THR A 606 0.61 8.49 -13.83
C THR A 606 -0.87 8.85 -13.70
N GLY A 607 -1.23 10.06 -14.12
CA GLY A 607 -2.64 10.43 -14.10
C GLY A 607 -3.46 9.62 -15.08
N MET A 608 -2.93 9.38 -16.27
CA MET A 608 -3.69 8.69 -17.31
C MET A 608 -3.89 7.23 -16.97
N LEU A 609 -3.00 6.62 -16.18
CA LEU A 609 -3.25 5.26 -15.71
C LEU A 609 -4.51 5.20 -14.84
N ALA A 610 -4.65 6.16 -13.93
CA ALA A 610 -5.85 6.22 -13.10
C ALA A 610 -7.09 6.49 -13.95
N ALA A 611 -6.95 7.35 -14.96
CA ALA A 611 -8.05 7.58 -15.89
C ALA A 611 -8.44 6.28 -16.58
N ARG A 612 -7.44 5.48 -16.97
CA ARG A 612 -7.69 4.19 -17.59
C ARG A 612 -8.47 3.28 -16.66
N ARG A 613 -8.07 3.22 -15.39
CA ARG A 613 -8.76 2.35 -14.44
C ARG A 613 -10.21 2.77 -14.27
N ILE A 614 -10.45 4.07 -14.10
CA ILE A 614 -11.83 4.54 -13.87
C ILE A 614 -12.69 4.29 -15.10
N GLN A 615 -12.15 4.51 -16.30
CA GLN A 615 -12.95 4.26 -17.49
C GLN A 615 -13.19 2.77 -17.68
N THR A 616 -12.22 1.93 -17.33
CA THR A 616 -12.43 0.48 -17.38
C THR A 616 -13.54 0.08 -16.42
N VAL A 617 -13.70 0.82 -15.33
CA VAL A 617 -14.83 0.57 -14.44
C VAL A 617 -16.14 1.00 -15.10
N LEU A 618 -16.14 2.18 -15.71
CA LEU A 618 -17.41 2.74 -16.20
C LEU A 618 -17.97 2.00 -17.40
N ASP A 619 -17.18 1.11 -18.02
CA ASP A 619 -17.64 0.27 -19.12
C ASP A 619 -17.70 -1.20 -18.78
N GLU A 620 -17.84 -1.53 -17.50
CA GLU A 620 -18.05 -2.91 -17.10
C GLU A 620 -19.44 -3.37 -17.56
N PRO A 621 -19.66 -4.68 -17.69
CA PRO A 621 -20.98 -5.16 -18.05
C PRO A 621 -22.00 -5.21 -16.92
N GLU A 622 -22.89 -4.24 -16.92
CA GLU A 622 -23.91 -4.09 -15.88
C GLU A 622 -25.13 -4.92 -16.23
N LEU A 623 -25.88 -5.30 -15.20
CA LEU A 623 -26.94 -6.30 -15.30
C LEU A 623 -28.05 -5.88 -16.27
N VAL A 624 -28.20 -6.64 -17.36
CA VAL A 624 -29.25 -6.37 -18.33
C VAL A 624 -30.58 -6.88 -17.80
N VAL A 625 -31.66 -6.19 -18.15
CA VAL A 625 -33.02 -6.59 -17.84
C VAL A 625 -33.69 -6.94 -19.17
N ARG A 626 -33.92 -8.24 -19.39
CA ARG A 626 -34.52 -8.69 -20.63
C ARG A 626 -36.03 -8.46 -20.58
N ASP A 627 -36.71 -8.86 -21.66
CA ASP A 627 -38.16 -8.75 -21.77
C ASP A 627 -38.61 -7.29 -21.64
N PRO A 644 -44.58 -21.65 -6.39
CA PRO A 644 -44.48 -21.21 -5.00
C PRO A 644 -43.05 -21.24 -4.48
N GLY A 645 -42.12 -20.69 -5.26
CA GLY A 645 -40.72 -20.70 -4.94
C GLY A 645 -39.89 -21.75 -5.65
N THR A 646 -40.47 -22.48 -6.59
CA THR A 646 -39.71 -23.46 -7.35
C THR A 646 -38.59 -22.79 -8.12
N VAL A 647 -37.42 -23.41 -8.13
CA VAL A 647 -36.26 -22.95 -8.87
C VAL A 647 -35.85 -24.05 -9.83
N GLU A 648 -35.69 -23.69 -11.11
CA GLU A 648 -35.28 -24.62 -12.15
C GLU A 648 -33.98 -24.12 -12.76
N LEU A 649 -32.96 -24.96 -12.74
CA LEU A 649 -31.72 -24.71 -13.46
C LEU A 649 -31.79 -25.51 -14.76
N ASP A 650 -31.67 -24.81 -15.88
CA ASP A 650 -31.92 -25.39 -17.21
C ASP A 650 -30.69 -25.19 -18.07
N ARG A 651 -29.84 -26.22 -18.16
CA ARG A 651 -28.66 -26.23 -19.03
C ARG A 651 -27.74 -25.04 -18.72
N VAL A 652 -27.60 -24.73 -17.42
CA VAL A 652 -26.82 -23.57 -17.01
C VAL A 652 -25.35 -23.84 -17.25
N SER A 653 -24.66 -22.84 -17.81
CA SER A 653 -23.22 -22.89 -17.99
C SER A 653 -22.67 -21.48 -17.79
N PHE A 654 -21.58 -21.38 -17.04
CA PHE A 654 -21.03 -20.09 -16.62
C PHE A 654 -19.52 -20.08 -16.74
N GLU A 655 -18.97 -18.93 -17.12
CA GLU A 655 -17.53 -18.72 -17.26
C GLU A 655 -17.19 -17.37 -16.66
N TYR A 656 -16.48 -17.35 -15.53
CA TYR A 656 -16.01 -16.09 -14.98
C TYR A 656 -15.06 -15.41 -15.95
N ARG A 657 -14.03 -16.14 -16.40
CA ARG A 657 -13.10 -15.71 -17.43
C ARG A 657 -13.49 -16.38 -18.75
N PRO A 658 -13.45 -15.70 -19.90
CA PRO A 658 -13.76 -16.38 -21.16
C PRO A 658 -12.77 -17.51 -21.42
N GLY A 659 -13.31 -18.64 -21.91
CA GLY A 659 -12.50 -19.79 -22.21
C GLY A 659 -12.10 -20.65 -21.04
N VAL A 660 -12.64 -20.38 -19.85
CA VAL A 660 -12.32 -21.14 -18.63
C VAL A 660 -13.62 -21.54 -17.95
N PRO A 661 -14.30 -22.60 -18.39
CA PRO A 661 -15.57 -22.97 -17.76
C PRO A 661 -15.42 -23.31 -16.30
N VAL A 662 -16.41 -22.89 -15.51
CA VAL A 662 -16.48 -23.17 -14.07
C VAL A 662 -17.76 -23.93 -13.77
N ILE A 663 -18.78 -23.75 -14.61
CA ILE A 663 -20.01 -24.55 -14.57
C ILE A 663 -20.32 -24.98 -15.98
N ARG A 664 -20.67 -26.26 -16.16
CA ARG A 664 -20.83 -26.85 -17.49
C ARG A 664 -22.07 -27.75 -17.50
N ASP A 665 -23.18 -27.20 -18.01
CA ASP A 665 -24.38 -27.98 -18.30
C ASP A 665 -24.91 -28.69 -17.05
N VAL A 666 -25.32 -27.89 -16.07
CA VAL A 666 -25.93 -28.37 -14.84
C VAL A 666 -27.43 -28.14 -14.94
N THR A 667 -28.21 -29.18 -14.62
CA THR A 667 -29.67 -29.11 -14.62
C THR A 667 -30.17 -29.51 -13.24
N LEU A 668 -31.15 -28.77 -12.73
CA LEU A 668 -31.67 -29.00 -11.40
C LEU A 668 -33.09 -28.47 -11.32
N THR A 669 -33.81 -28.92 -10.30
CA THR A 669 -35.16 -28.42 -10.01
C THR A 669 -35.32 -28.44 -8.50
N LEU A 670 -35.12 -27.28 -7.86
CA LEU A 670 -35.33 -27.18 -6.42
C LEU A 670 -36.82 -27.16 -6.16
N ARG A 671 -37.38 -28.32 -5.82
CA ARG A 671 -38.81 -28.42 -5.61
C ARG A 671 -39.21 -27.61 -4.39
N PRO A 672 -40.48 -27.16 -4.32
CA PRO A 672 -40.88 -26.26 -3.23
C PRO A 672 -40.80 -26.95 -1.88
N GLY A 673 -40.18 -26.27 -0.92
CA GLY A 673 -40.05 -26.78 0.43
C GLY A 673 -38.93 -27.77 0.65
N THR A 674 -38.18 -28.12 -0.40
CA THR A 674 -37.13 -29.13 -0.31
C THR A 674 -35.79 -28.46 -0.08
N VAL A 675 -35.07 -28.93 0.94
CA VAL A 675 -33.73 -28.42 1.25
C VAL A 675 -32.72 -29.11 0.34
N THR A 676 -32.44 -28.52 -0.81
CA THR A 676 -31.58 -29.12 -1.82
C THR A 676 -30.13 -28.78 -1.48
N ALA A 677 -29.48 -29.67 -0.74
CA ALA A 677 -28.09 -29.45 -0.36
C ALA A 677 -27.19 -29.51 -1.58
N LEU A 678 -26.06 -28.80 -1.49
CA LEU A 678 -25.04 -28.76 -2.53
C LEU A 678 -23.71 -29.13 -1.91
N VAL A 679 -23.05 -30.14 -2.46
CA VAL A 679 -21.84 -30.71 -1.85
C VAL A 679 -20.83 -31.05 -2.93
N GLY A 680 -19.56 -30.84 -2.63
CA GLY A 680 -18.47 -31.19 -3.50
C GLY A 680 -17.13 -30.88 -2.87
N PRO A 681 -16.04 -31.28 -3.52
CA PRO A 681 -14.71 -30.98 -2.99
C PRO A 681 -14.39 -29.50 -3.14
N SER A 682 -13.31 -29.09 -2.47
CA SER A 682 -12.88 -27.70 -2.56
C SER A 682 -12.49 -27.35 -3.99
N GLY A 683 -12.95 -26.20 -4.45
CA GLY A 683 -12.70 -25.78 -5.82
C GLY A 683 -13.59 -26.45 -6.84
N SER A 684 -14.64 -27.15 -6.42
CA SER A 684 -15.54 -27.81 -7.36
C SER A 684 -16.50 -26.85 -8.04
N GLY A 685 -16.69 -25.65 -7.49
CA GLY A 685 -17.63 -24.70 -8.05
C GLY A 685 -19.03 -24.82 -7.51
N LYS A 686 -19.21 -25.29 -6.28
CA LYS A 686 -20.55 -25.41 -5.71
C LYS A 686 -21.07 -24.05 -5.26
N SER A 687 -20.21 -23.19 -4.73
CA SER A 687 -20.65 -21.85 -4.35
C SER A 687 -21.07 -21.04 -5.56
N THR A 688 -20.44 -21.30 -6.71
CA THR A 688 -20.76 -20.54 -7.91
C THR A 688 -22.20 -20.75 -8.34
N LEU A 689 -22.69 -21.99 -8.25
CA LEU A 689 -24.06 -22.27 -8.69
C LEU A 689 -25.08 -21.54 -7.82
N ALA A 690 -24.83 -21.51 -6.51
CA ALA A 690 -25.70 -20.73 -5.63
C ALA A 690 -25.61 -19.25 -5.95
N ALA A 691 -24.41 -18.77 -6.29
CA ALA A 691 -24.25 -17.38 -6.68
C ALA A 691 -25.08 -17.05 -7.92
N LEU A 692 -25.08 -17.95 -8.90
CA LEU A 692 -25.92 -17.73 -10.07
C LEU A 692 -27.40 -17.81 -9.71
N VAL A 693 -27.76 -18.66 -8.75
CA VAL A 693 -29.16 -18.77 -8.33
C VAL A 693 -29.63 -17.45 -7.75
N ALA A 694 -28.79 -16.80 -6.95
CA ALA A 694 -29.12 -15.47 -6.44
C ALA A 694 -28.85 -14.36 -7.45
N ARG A 695 -28.44 -14.70 -8.67
CA ARG A 695 -28.07 -13.72 -9.70
C ARG A 695 -26.97 -12.78 -9.23
N PHE A 696 -25.94 -13.36 -8.62
CA PHE A 696 -24.68 -12.63 -8.49
C PHE A 696 -24.03 -12.43 -9.85
N HIS A 697 -24.28 -13.33 -10.80
CA HIS A 697 -23.86 -13.17 -12.18
C HIS A 697 -25.00 -13.62 -13.08
N ASP A 698 -24.80 -13.46 -14.38
CA ASP A 698 -25.73 -13.95 -15.38
C ASP A 698 -25.19 -15.22 -16.01
N VAL A 699 -26.05 -16.23 -16.15
CA VAL A 699 -25.65 -17.48 -16.79
C VAL A 699 -25.39 -17.21 -18.25
N THR A 700 -24.23 -17.67 -18.73
CA THR A 700 -23.88 -17.43 -20.14
C THR A 700 -24.75 -18.27 -21.07
N GLN A 701 -25.15 -19.46 -20.64
CA GLN A 701 -25.97 -20.36 -21.43
C GLN A 701 -27.13 -20.85 -20.58
N GLY A 702 -28.16 -21.35 -21.25
CA GLY A 702 -29.33 -21.84 -20.54
C GLY A 702 -30.08 -20.68 -19.89
N ALA A 703 -30.75 -21.00 -18.78
CA ALA A 703 -31.51 -20.00 -18.05
C ALA A 703 -31.88 -20.56 -16.68
N ILE A 704 -32.04 -19.65 -15.72
CA ILE A 704 -32.43 -19.98 -14.36
C ILE A 704 -33.82 -19.40 -14.15
N ARG A 705 -34.79 -20.26 -13.87
CA ARG A 705 -36.17 -19.85 -13.67
C ARG A 705 -36.53 -19.93 -12.19
N VAL A 706 -37.11 -18.87 -11.67
CA VAL A 706 -37.65 -18.81 -10.31
C VAL A 706 -39.15 -18.62 -10.42
N ASP A 707 -39.92 -19.57 -9.91
CA ASP A 707 -41.37 -19.57 -10.05
C ASP A 707 -41.81 -19.69 -11.50
N GLY A 708 -40.96 -20.23 -12.37
CA GLY A 708 -41.23 -20.32 -13.79
C GLY A 708 -40.82 -19.11 -14.59
N ARG A 709 -40.35 -18.05 -13.94
CA ARG A 709 -39.91 -16.83 -14.61
C ARG A 709 -38.39 -16.78 -14.59
N ASP A 710 -37.79 -16.55 -15.76
CA ASP A 710 -36.34 -16.43 -15.84
C ASP A 710 -35.89 -15.25 -14.99
N ILE A 711 -34.81 -15.45 -14.22
CA ILE A 711 -34.30 -14.38 -13.35
C ILE A 711 -33.83 -13.19 -14.18
N ARG A 712 -33.42 -13.43 -15.42
CA ARG A 712 -32.89 -12.35 -16.25
C ARG A 712 -33.97 -11.34 -16.63
N THR A 713 -35.24 -11.74 -16.63
CA THR A 713 -36.35 -10.82 -16.90
C THR A 713 -36.95 -10.22 -15.63
N LEU A 714 -36.43 -10.55 -14.45
CA LEU A 714 -36.95 -10.03 -13.19
C LEU A 714 -36.12 -8.83 -12.76
N THR A 715 -36.78 -7.70 -12.55
CA THR A 715 -36.08 -6.55 -11.98
C THR A 715 -35.59 -6.87 -10.58
N ALA A 716 -34.69 -6.02 -10.07
CA ALA A 716 -33.94 -6.36 -8.87
C ALA A 716 -34.85 -6.56 -7.66
N ASP A 717 -35.81 -5.67 -7.46
CA ASP A 717 -36.71 -5.80 -6.32
C ASP A 717 -37.56 -7.06 -6.44
N GLU A 718 -38.09 -7.32 -7.63
CA GLU A 718 -38.93 -8.51 -7.83
C GLU A 718 -38.12 -9.78 -7.62
N LEU A 719 -36.86 -9.80 -8.06
CA LEU A 719 -36.02 -10.96 -7.84
C LEU A 719 -35.74 -11.15 -6.36
N TYR A 720 -35.28 -10.09 -5.69
CA TYR A 720 -34.78 -10.23 -4.33
C TYR A 720 -35.87 -10.24 -3.27
N ARG A 721 -37.13 -10.01 -3.64
CA ARG A 721 -38.24 -10.41 -2.77
C ARG A 721 -38.69 -11.85 -3.01
N ARG A 722 -38.10 -12.55 -3.97
CA ARG A 722 -38.32 -13.98 -4.18
C ARG A 722 -37.13 -14.82 -3.75
N VAL A 723 -35.91 -14.40 -4.06
CA VAL A 723 -34.70 -15.17 -3.81
C VAL A 723 -33.84 -14.35 -2.86
N GLY A 724 -33.99 -14.58 -1.56
CA GLY A 724 -33.09 -14.01 -0.59
C GLY A 724 -31.79 -14.79 -0.60
N PHE A 725 -30.88 -14.39 0.30
CA PHE A 725 -29.66 -15.17 0.47
C PHE A 725 -29.03 -14.83 1.80
N VAL A 726 -28.41 -15.83 2.41
CA VAL A 726 -27.62 -15.67 3.62
C VAL A 726 -26.27 -16.30 3.33
N LEU A 727 -25.33 -15.51 2.82
CA LEU A 727 -24.03 -15.98 2.39
C LEU A 727 -22.96 -15.56 3.40
N GLN A 728 -21.74 -16.01 3.16
CA GLN A 728 -20.64 -15.72 4.07
C GLN A 728 -20.29 -14.23 4.03
N ASP A 729 -19.60 -13.78 5.08
CA ASP A 729 -19.19 -12.38 5.22
C ASP A 729 -20.41 -11.46 5.19
N ALA A 730 -21.28 -11.64 6.19
CA ALA A 730 -22.50 -10.84 6.29
C ALA A 730 -22.15 -9.38 6.56
N GLN A 731 -22.89 -8.49 5.91
CA GLN A 731 -22.64 -7.05 5.96
C GLN A 731 -23.74 -6.35 6.75
N LEU A 732 -23.34 -5.35 7.54
CA LEU A 732 -24.25 -4.53 8.32
C LEU A 732 -24.29 -3.12 7.76
N VAL A 733 -25.47 -2.52 7.79
CA VAL A 733 -25.69 -1.18 7.28
C VAL A 733 -25.63 -0.19 8.44
N HIS A 734 -25.06 0.98 8.18
CA HIS A 734 -24.94 2.03 9.19
C HIS A 734 -26.30 2.44 9.71
N GLY A 735 -26.58 2.16 10.98
CA GLY A 735 -27.85 2.51 11.56
C GLY A 735 -28.07 1.74 12.85
N SER A 736 -29.26 1.91 13.40
CA SER A 736 -29.64 1.23 14.62
C SER A 736 -29.75 -0.27 14.37
N VAL A 737 -29.66 -1.05 15.45
CA VAL A 737 -29.85 -2.49 15.33
C VAL A 737 -31.28 -2.80 14.91
N ALA A 738 -32.23 -1.96 15.31
CA ALA A 738 -33.60 -2.09 14.81
C ALA A 738 -33.74 -1.70 13.35
N GLU A 739 -32.73 -1.08 12.76
CA GLU A 739 -32.71 -0.81 11.33
C GLU A 739 -32.04 -1.94 10.55
N ASN A 740 -30.93 -2.49 11.08
CA ASN A 740 -30.27 -3.60 10.40
C ASN A 740 -31.19 -4.81 10.34
N ILE A 741 -31.91 -5.10 11.42
CA ILE A 741 -32.82 -6.23 11.41
C ILE A 741 -34.02 -5.97 10.51
N ALA A 742 -34.46 -4.71 10.42
CA ALA A 742 -35.66 -4.34 9.66
C ALA A 742 -35.33 -3.70 8.32
N LEU A 743 -34.16 -3.99 7.75
CA LEU A 743 -33.78 -3.37 6.48
C LEU A 743 -34.72 -3.79 5.36
N ALA A 744 -35.11 -5.07 5.34
CA ALA A 744 -36.02 -5.54 4.30
C ALA A 744 -37.38 -4.88 4.41
N GLU A 745 -37.92 -4.80 5.63
CA GLU A 745 -39.25 -4.24 5.89
C GLU A 745 -39.13 -3.23 7.03
N PRO A 746 -38.73 -1.99 6.73
CA PRO A 746 -38.61 -0.99 7.81
C PRO A 746 -39.91 -0.70 8.54
N ASP A 747 -41.06 -0.89 7.88
CA ASP A 747 -42.34 -0.58 8.52
C ASP A 747 -42.72 -1.59 9.60
N ALA A 748 -42.00 -2.70 9.73
CA ALA A 748 -42.30 -3.66 10.78
C ALA A 748 -42.11 -3.04 12.15
N GLY A 749 -43.08 -3.26 13.03
CA GLY A 749 -43.02 -2.69 14.36
C GLY A 749 -41.88 -3.27 15.18
N LEU A 750 -41.61 -2.59 16.30
CA LEU A 750 -40.49 -3.01 17.15
C LEU A 750 -40.74 -4.40 17.74
N GLU A 751 -41.99 -4.77 17.97
CA GLU A 751 -42.28 -6.12 18.48
C GLU A 751 -41.96 -7.18 17.43
N ARG A 752 -42.24 -6.90 16.16
CA ARG A 752 -41.87 -7.83 15.11
C ARG A 752 -40.36 -7.97 15.00
N ILE A 753 -39.63 -6.87 15.16
CA ILE A 753 -38.17 -6.94 15.18
C ILE A 753 -37.71 -7.77 16.37
N ARG A 754 -38.37 -7.60 17.52
CA ARG A 754 -37.97 -8.34 18.71
C ARG A 754 -38.20 -9.83 18.55
N THR A 755 -39.35 -10.23 18.01
CA THR A 755 -39.61 -11.66 17.84
C THR A 755 -38.73 -12.25 16.73
N ALA A 756 -38.40 -11.47 15.70
CA ALA A 756 -37.44 -11.93 14.71
C ALA A 756 -36.06 -12.14 15.34
N ALA A 757 -35.64 -11.22 16.22
CA ALA A 757 -34.38 -11.40 16.92
C ALA A 757 -34.41 -12.63 17.81
N ARG A 758 -35.53 -12.87 18.48
CA ARG A 758 -35.69 -14.09 19.27
C ARG A 758 -35.56 -15.33 18.39
N ASP A 759 -36.17 -15.29 17.21
CA ASP A 759 -36.05 -16.39 16.26
C ASP A 759 -34.62 -16.59 15.81
N ALA A 760 -33.84 -15.52 15.75
CA ALA A 760 -32.43 -15.59 15.34
C ALA A 760 -31.48 -15.84 16.50
N GLN A 761 -31.99 -15.99 17.73
CA GLN A 761 -31.14 -16.22 18.91
C GLN A 761 -30.15 -15.09 19.11
N ILE A 762 -30.60 -13.86 18.87
CA ILE A 762 -29.81 -12.66 19.10
C ILE A 762 -30.47 -11.69 20.07
N HIS A 763 -31.74 -11.90 20.42
CA HIS A 763 -32.42 -11.01 21.36
C HIS A 763 -31.74 -10.99 22.72
N ASP A 764 -31.09 -12.09 23.11
CA ASP A 764 -30.38 -12.11 24.39
C ASP A 764 -29.24 -11.10 24.39
N ARG A 765 -28.46 -11.04 23.31
CA ARG A 765 -27.30 -10.17 23.28
C ARG A 765 -27.68 -8.72 23.08
N ILE A 766 -28.69 -8.45 22.24
CA ILE A 766 -29.06 -7.06 21.94
C ILE A 766 -29.52 -6.34 23.20
N THR A 767 -30.37 -7.00 24.00
CA THR A 767 -30.80 -6.40 25.26
C THR A 767 -29.63 -6.20 26.22
N ARG A 768 -28.57 -6.99 26.09
CA ARG A 768 -27.39 -6.82 26.93
C ARG A 768 -26.60 -5.56 26.57
N MET A 769 -26.77 -5.02 25.37
CA MET A 769 -26.04 -3.84 24.95
C MET A 769 -26.60 -2.60 25.64
N PRO A 770 -25.79 -1.55 25.85
CA PRO A 770 -26.25 -0.43 26.70
C PRO A 770 -27.43 0.32 26.12
N ASP A 771 -27.33 0.79 24.88
CA ASP A 771 -28.44 1.50 24.26
C ASP A 771 -29.60 0.59 23.87
N GLY A 772 -29.41 -0.72 23.90
CA GLY A 772 -30.48 -1.64 23.54
C GLY A 772 -30.55 -1.81 22.04
N TYR A 773 -31.74 -1.64 21.49
CA TYR A 773 -31.96 -1.84 20.06
C TYR A 773 -31.54 -0.64 19.21
N ASP A 774 -31.32 0.52 19.81
CA ASP A 774 -30.98 1.74 19.08
C ASP A 774 -29.47 1.93 18.91
N SER A 775 -28.67 0.94 19.27
CA SER A 775 -27.22 1.08 19.15
C SER A 775 -26.80 1.17 17.70
N VAL A 776 -25.89 2.10 17.42
CA VAL A 776 -25.46 2.35 16.04
C VAL A 776 -24.44 1.29 15.64
N LEU A 777 -24.70 0.63 14.52
CA LEU A 777 -23.76 -0.29 13.91
C LEU A 777 -23.07 0.40 12.73
N GLY A 778 -22.13 -0.31 12.11
CA GLY A 778 -21.39 0.24 10.99
C GLY A 778 -20.15 -0.55 10.66
N ALA A 779 -19.07 0.15 10.32
CA ALA A 779 -17.82 -0.52 9.98
C ALA A 779 -17.28 -1.29 11.17
N GLY A 780 -17.38 -0.73 12.37
CA GLY A 780 -16.95 -1.39 13.59
C GLY A 780 -17.86 -1.10 14.76
N SER A 781 -18.15 -2.13 15.56
CA SER A 781 -19.04 -1.99 16.70
C SER A 781 -18.64 -3.01 17.75
N ALA A 782 -19.47 -3.16 18.78
CA ALA A 782 -19.16 -4.07 19.89
C ALA A 782 -19.48 -5.52 19.58
N LEU A 783 -20.25 -5.80 18.53
CA LEU A 783 -20.65 -7.17 18.21
C LEU A 783 -19.56 -7.87 17.41
N SER A 784 -19.29 -9.12 17.77
CA SER A 784 -18.28 -9.92 17.09
C SER A 784 -18.88 -10.51 15.81
N GLY A 785 -18.11 -11.37 15.14
CA GLY A 785 -18.61 -11.98 13.91
C GLY A 785 -19.81 -12.86 14.14
N GLY A 786 -19.75 -13.68 15.18
CA GLY A 786 -20.84 -14.61 15.48
C GLY A 786 -22.11 -13.95 15.96
N GLU A 787 -22.10 -12.65 16.21
CA GLU A 787 -23.29 -11.88 16.58
C GLU A 787 -23.84 -11.07 15.41
N ARG A 788 -22.98 -10.43 14.62
CA ARG A 788 -23.48 -9.75 13.43
C ARG A 788 -24.00 -10.75 12.41
N GLN A 789 -23.44 -11.97 12.38
CA GLN A 789 -24.02 -13.00 11.52
C GLN A 789 -25.45 -13.33 11.94
N ARG A 790 -25.70 -13.40 13.25
CA ARG A 790 -27.05 -13.67 13.72
C ARG A 790 -27.98 -12.48 13.49
N VAL A 791 -27.44 -11.26 13.53
CA VAL A 791 -28.25 -10.09 13.18
C VAL A 791 -28.67 -10.17 11.71
N THR A 792 -27.74 -10.53 10.83
CA THR A 792 -28.08 -10.68 9.41
C THR A 792 -29.07 -11.80 9.20
N ILE A 793 -28.94 -12.89 9.97
CA ILE A 793 -29.90 -13.99 9.86
C ILE A 793 -31.28 -13.53 10.33
N ALA A 794 -31.32 -12.66 11.35
CA ALA A 794 -32.59 -12.08 11.77
C ALA A 794 -33.20 -11.25 10.66
N ARG A 795 -32.36 -10.48 9.96
CA ARG A 795 -32.84 -9.70 8.82
C ARG A 795 -33.42 -10.61 7.74
N ALA A 796 -32.73 -11.72 7.46
CA ALA A 796 -33.21 -12.65 6.45
C ALA A 796 -34.51 -13.32 6.88
N ILE A 797 -34.65 -13.59 8.19
CA ILE A 797 -35.91 -14.14 8.69
C ILE A 797 -37.04 -13.14 8.47
N LEU A 798 -36.79 -11.87 8.79
CA LEU A 798 -37.85 -10.88 8.69
C LEU A 798 -38.16 -10.50 7.25
N ALA A 799 -37.22 -10.71 6.31
CA ALA A 799 -37.48 -10.37 4.92
C ALA A 799 -38.55 -11.26 4.30
N ASP A 800 -38.66 -12.51 4.76
CA ASP A 800 -39.68 -13.45 4.29
C ASP A 800 -39.53 -13.70 2.78
N THR A 801 -38.38 -14.27 2.42
CA THR A 801 -38.12 -14.68 1.05
C THR A 801 -38.50 -16.15 0.87
N PRO A 802 -39.33 -16.53 -0.11
CA PRO A 802 -39.68 -17.96 -0.23
C PRO A 802 -38.48 -18.83 -0.57
N VAL A 803 -37.74 -18.51 -1.61
CA VAL A 803 -36.46 -19.17 -1.88
C VAL A 803 -35.40 -18.57 -0.97
N LEU A 804 -34.34 -19.34 -0.70
CA LEU A 804 -33.29 -18.89 0.19
C LEU A 804 -31.99 -19.60 -0.15
N VAL A 805 -31.05 -18.88 -0.76
CA VAL A 805 -29.70 -19.41 -0.93
C VAL A 805 -28.99 -19.33 0.41
N LEU A 806 -28.26 -20.39 0.76
CA LEU A 806 -27.62 -20.52 2.06
C LEU A 806 -26.20 -21.01 1.89
N ASP A 807 -25.27 -20.38 2.61
CA ASP A 807 -23.88 -20.82 2.70
C ASP A 807 -23.69 -21.44 4.07
N GLU A 808 -23.45 -22.76 4.10
CA GLU A 808 -23.35 -23.48 5.35
C GLU A 808 -22.10 -23.11 6.15
N ALA A 809 -21.13 -22.42 5.54
CA ALA A 809 -19.95 -22.00 6.27
C ALA A 809 -20.27 -21.00 7.38
N THR A 810 -21.43 -20.33 7.32
CA THR A 810 -21.82 -19.43 8.39
C THR A 810 -22.05 -20.16 9.71
N ALA A 811 -22.32 -21.47 9.67
CA ALA A 811 -22.55 -22.22 10.90
C ALA A 811 -21.31 -22.23 11.78
N PHE A 812 -20.13 -22.45 11.19
CA PHE A 812 -18.87 -22.52 11.92
C PHE A 812 -17.97 -21.32 11.61
N ALA A 813 -18.56 -20.19 11.25
CA ALA A 813 -17.76 -18.98 11.07
C ALA A 813 -17.12 -18.55 12.39
N ASP A 814 -17.90 -18.61 13.48
CA ASP A 814 -17.40 -18.39 14.83
C ASP A 814 -17.66 -19.65 15.63
N PRO A 815 -16.68 -20.56 15.78
CA PRO A 815 -16.98 -21.86 16.41
C PRO A 815 -17.46 -21.75 17.86
N GLU A 816 -17.19 -20.64 18.54
CA GLU A 816 -17.71 -20.47 19.89
C GLU A 816 -19.24 -20.46 19.88
N SER A 817 -19.84 -19.63 19.02
CA SER A 817 -21.29 -19.44 18.96
C SER A 817 -21.92 -20.30 17.86
N GLU A 818 -21.37 -21.48 17.61
CA GLU A 818 -21.89 -22.33 16.54
C GLU A 818 -23.33 -22.76 16.86
N TYR A 819 -23.62 -23.09 18.11
CA TYR A 819 -24.93 -23.63 18.44
C TYR A 819 -26.04 -22.61 18.22
N LEU A 820 -25.81 -21.35 18.62
CA LEU A 820 -26.84 -20.33 18.44
C LEU A 820 -27.11 -20.06 16.97
N VAL A 821 -26.05 -19.97 16.16
CA VAL A 821 -26.23 -19.76 14.73
C VAL A 821 -26.93 -20.95 14.10
N GLN A 822 -26.64 -22.17 14.59
CA GLN A 822 -27.33 -23.34 14.08
C GLN A 822 -28.81 -23.30 14.40
N GLN A 823 -29.17 -22.88 15.61
CA GLN A 823 -30.59 -22.70 15.94
C GLN A 823 -31.24 -21.66 15.04
N ALA A 824 -30.53 -20.54 14.80
CA ALA A 824 -31.07 -19.50 13.94
C ALA A 824 -31.28 -20.01 12.52
N ILE A 825 -30.35 -20.79 11.99
CA ILE A 825 -30.50 -21.32 10.64
C ILE A 825 -31.62 -22.35 10.59
N ASN A 826 -31.77 -23.15 11.65
CA ASN A 826 -32.88 -24.10 11.68
C ASN A 826 -34.22 -23.37 11.64
N ARG A 827 -34.32 -22.25 12.33
CA ARG A 827 -35.55 -21.45 12.24
C ARG A 827 -35.68 -20.76 10.88
N LEU A 828 -34.56 -20.38 10.27
CA LEU A 828 -34.60 -19.70 8.98
C LEU A 828 -35.00 -20.64 7.86
N THR A 829 -34.73 -21.93 8.00
CA THR A 829 -35.00 -22.95 6.99
C THR A 829 -36.31 -23.67 7.26
N ARG A 830 -37.32 -22.95 7.75
CA ARG A 830 -38.57 -23.60 8.18
C ARG A 830 -39.36 -24.12 6.97
N ASP A 831 -39.77 -23.22 6.09
CA ASP A 831 -40.66 -23.55 4.97
C ASP A 831 -40.20 -22.91 3.68
N ARG A 832 -38.88 -22.87 3.45
CA ARG A 832 -38.29 -22.18 2.32
C ARG A 832 -37.55 -23.17 1.43
N THR A 833 -37.61 -22.94 0.11
CA THR A 833 -36.87 -23.76 -0.83
C THR A 833 -35.39 -23.41 -0.74
N VAL A 834 -34.65 -24.14 0.09
CA VAL A 834 -33.29 -23.75 0.46
C VAL A 834 -32.29 -24.50 -0.41
N LEU A 835 -31.18 -23.83 -0.71
CA LEU A 835 -30.08 -24.38 -1.50
C LEU A 835 -28.82 -24.27 -0.64
N VAL A 836 -28.58 -25.27 0.21
CA VAL A 836 -27.48 -25.21 1.15
C VAL A 836 -26.18 -25.52 0.42
N ILE A 837 -25.18 -24.65 0.59
CA ILE A 837 -23.83 -24.88 0.08
C ILE A 837 -23.10 -25.62 1.18
N ALA A 838 -23.08 -26.94 1.09
CA ALA A 838 -22.63 -27.80 2.18
C ALA A 838 -21.12 -28.01 2.12
N HIS A 839 -20.43 -27.71 3.21
CA HIS A 839 -19.04 -28.07 3.41
C HIS A 839 -18.89 -29.29 4.32
N ARG A 840 -19.74 -29.40 5.34
CA ARG A 840 -19.75 -30.53 6.25
C ARG A 840 -20.85 -31.50 5.82
N LEU A 841 -20.46 -32.75 5.55
CA LEU A 841 -21.42 -33.71 5.02
C LEU A 841 -22.47 -34.10 6.06
N HIS A 842 -22.08 -34.20 7.33
CA HIS A 842 -22.98 -34.75 8.35
C HIS A 842 -24.17 -33.84 8.65
N THR A 843 -24.17 -32.59 8.17
CA THR A 843 -25.30 -31.68 8.37
C THR A 843 -26.27 -31.70 7.20
N ILE A 844 -26.29 -32.78 6.41
CA ILE A 844 -27.06 -32.84 5.17
C ILE A 844 -27.89 -34.13 5.08
N THR A 845 -27.64 -35.08 5.99
CA THR A 845 -28.25 -36.41 5.87
C THR A 845 -29.77 -36.38 5.87
N HIS A 846 -30.39 -35.34 6.43
CA HIS A 846 -31.83 -35.16 6.38
C HIS A 846 -32.30 -34.34 5.19
N ALA A 847 -31.40 -33.93 4.31
CA ALA A 847 -31.79 -33.09 3.18
C ALA A 847 -32.67 -33.86 2.21
N ASP A 848 -33.70 -33.19 1.69
CA ASP A 848 -34.59 -33.82 0.73
C ASP A 848 -33.91 -34.08 -0.61
N GLN A 849 -32.78 -33.45 -0.87
CA GLN A 849 -32.04 -33.67 -2.11
C GLN A 849 -30.60 -33.29 -1.88
N ILE A 850 -29.69 -34.03 -2.52
CA ILE A 850 -28.26 -33.77 -2.45
C ILE A 850 -27.72 -33.83 -3.86
N VAL A 851 -26.79 -32.93 -4.18
CA VAL A 851 -26.19 -32.81 -5.51
C VAL A 851 -24.68 -32.86 -5.35
N VAL A 852 -24.04 -33.80 -6.05
CA VAL A 852 -22.60 -33.99 -5.98
C VAL A 852 -22.00 -33.32 -7.20
N LEU A 853 -21.19 -32.28 -6.97
CA LEU A 853 -20.55 -31.52 -8.02
C LEU A 853 -19.05 -31.77 -8.01
N ASP A 854 -18.46 -31.86 -9.19
CA ASP A 854 -17.01 -31.80 -9.34
C ASP A 854 -16.69 -31.25 -10.72
N ASP A 855 -15.64 -30.45 -10.81
CA ASP A 855 -15.19 -29.87 -12.06
C ASP A 855 -16.29 -29.07 -12.77
N GLY A 856 -17.22 -28.51 -12.00
CA GLY A 856 -18.31 -27.75 -12.57
C GLY A 856 -19.34 -28.54 -13.35
N ARG A 857 -19.74 -29.72 -12.86
CA ARG A 857 -20.82 -30.45 -13.49
C ARG A 857 -21.41 -31.44 -12.49
N ILE A 858 -22.71 -31.67 -12.62
CA ILE A 858 -23.42 -32.59 -11.74
C ILE A 858 -23.05 -34.02 -12.10
N VAL A 859 -22.75 -34.82 -11.08
CA VAL A 859 -22.42 -36.24 -11.25
C VAL A 859 -23.53 -37.13 -10.71
N GLU A 860 -23.83 -37.01 -9.41
CA GLU A 860 -24.78 -37.88 -8.73
C GLU A 860 -25.77 -37.05 -7.95
N VAL A 861 -27.05 -37.38 -8.09
CA VAL A 861 -28.15 -36.67 -7.45
C VAL A 861 -29.04 -37.68 -6.75
N GLY A 862 -29.43 -37.37 -5.52
CA GLY A 862 -30.30 -38.24 -4.76
C GLY A 862 -30.12 -38.00 -3.28
N THR A 863 -30.97 -38.68 -2.50
CA THR A 863 -30.90 -38.55 -1.06
C THR A 863 -29.62 -39.18 -0.52
N HIS A 864 -29.42 -39.06 0.80
CA HIS A 864 -28.23 -39.61 1.42
C HIS A 864 -28.17 -41.13 1.27
N ASP A 865 -29.28 -41.80 1.56
CA ASP A 865 -29.31 -43.25 1.49
C ASP A 865 -29.10 -43.75 0.07
N GLU A 866 -29.79 -43.14 -0.90
CA GLU A 866 -29.64 -43.56 -2.29
C GLU A 866 -28.22 -43.35 -2.79
N LEU A 867 -27.63 -42.20 -2.45
CA LEU A 867 -26.28 -41.92 -2.91
C LEU A 867 -25.27 -42.89 -2.29
N LEU A 868 -25.41 -43.18 -1.00
CA LEU A 868 -24.49 -44.14 -0.37
C LEU A 868 -24.68 -45.53 -0.97
N ALA A 869 -25.92 -45.94 -1.21
CA ALA A 869 -26.16 -47.27 -1.78
C ALA A 869 -25.65 -47.37 -3.20
N ALA A 870 -25.60 -46.25 -3.93
CA ALA A 870 -25.14 -46.28 -5.31
C ALA A 870 -23.66 -46.63 -5.42
N GLY A 871 -22.88 -46.48 -4.35
CA GLY A 871 -21.46 -46.78 -4.40
C GLY A 871 -20.68 -45.87 -5.32
N GLY A 872 -21.04 -44.59 -5.37
CA GLY A 872 -20.42 -43.63 -6.27
C GLY A 872 -19.47 -42.68 -5.57
N ARG A 873 -19.32 -41.49 -6.15
CA ARG A 873 -18.44 -40.48 -5.56
C ARG A 873 -18.90 -40.06 -4.17
N TYR A 874 -20.21 -40.04 -3.93
CA TYR A 874 -20.70 -39.63 -2.63
C TYR A 874 -20.25 -40.60 -1.54
N ARG A 875 -20.21 -41.90 -1.84
CA ARG A 875 -19.71 -42.86 -0.86
C ARG A 875 -18.25 -42.58 -0.53
N GLY A 876 -17.44 -42.26 -1.53
CA GLY A 876 -16.05 -41.91 -1.27
C GLY A 876 -15.93 -40.67 -0.41
N LEU A 877 -16.72 -39.64 -0.70
CA LEU A 877 -16.68 -38.43 0.11
C LEU A 877 -17.11 -38.71 1.55
N TRP A 878 -18.16 -39.52 1.72
CA TRP A 878 -18.62 -39.85 3.07
C TRP A 878 -17.58 -40.65 3.84
N ASP A 879 -16.94 -41.61 3.17
CA ASP A 879 -15.92 -42.41 3.83
C ASP A 879 -14.71 -41.55 4.20
N SER A 880 -14.33 -40.62 3.33
CA SER A 880 -13.22 -39.72 3.64
C SER A 880 -13.55 -38.82 4.84
N GLY A 881 -14.83 -38.54 5.07
CA GLY A 881 -15.24 -37.72 6.19
C GLY A 881 -15.16 -38.48 7.51
N ILE B 2 19.66 15.62 6.86
CA ILE B 2 19.13 14.57 7.78
C ILE B 2 20.32 13.87 8.45
N ARG B 3 20.26 13.78 9.77
CA ARG B 3 21.36 13.24 10.56
C ARG B 3 21.36 11.72 10.64
N THR B 4 20.27 11.06 10.22
CA THR B 4 20.22 9.60 10.28
C THR B 4 21.26 8.97 9.34
N LEU B 5 21.61 9.65 8.25
CA LEU B 5 22.56 9.09 7.29
C LEU B 5 23.91 8.81 7.93
N LEU B 6 24.29 9.60 8.93
CA LEU B 6 25.57 9.36 9.60
C LEU B 6 25.59 8.02 10.31
N ARG B 7 24.44 7.58 10.84
CA ARG B 7 24.35 6.25 11.42
C ARG B 7 24.22 5.18 10.35
N LEU B 8 23.49 5.48 9.27
CA LEU B 8 23.24 4.47 8.24
C LEU B 8 24.52 4.05 7.54
N VAL B 9 25.43 4.98 7.30
CA VAL B 9 26.64 4.65 6.53
C VAL B 9 27.49 3.65 7.32
N PRO B 10 28.06 2.62 6.70
CA PRO B 10 28.88 1.68 7.47
C PRO B 10 30.15 2.33 8.00
N ALA B 11 30.68 1.72 9.07
CA ALA B 11 31.83 2.29 9.75
C ALA B 11 33.10 2.22 8.91
N GLU B 12 33.20 1.25 8.00
CA GLU B 12 34.41 1.12 7.18
C GLU B 12 34.46 2.12 6.04
N LYS B 13 33.36 2.82 5.74
CA LYS B 13 33.30 3.82 4.69
C LYS B 13 33.33 5.24 5.24
N ARG B 14 33.73 5.43 6.50
CA ARG B 14 33.79 6.77 7.07
C ARG B 14 34.82 7.63 6.34
N GLY B 15 35.95 7.04 5.96
CA GLY B 15 36.91 7.76 5.15
C GLY B 15 36.32 8.21 3.84
N ALA B 16 35.46 7.39 3.24
CA ALA B 16 34.77 7.79 2.02
C ALA B 16 33.84 8.96 2.30
N VAL B 17 33.20 8.99 3.46
CA VAL B 17 32.35 10.13 3.81
C VAL B 17 33.18 11.39 3.93
N ALA B 18 34.33 11.30 4.59
CA ALA B 18 35.18 12.48 4.74
C ALA B 18 35.68 12.98 3.37
N GLY B 19 36.10 12.05 2.51
CA GLY B 19 36.51 12.44 1.18
C GLY B 19 35.38 13.06 0.38
N TYR B 20 34.19 12.48 0.48
CA TYR B 20 33.03 13.05 -0.20
C TYR B 20 32.73 14.45 0.30
N ALA B 21 32.81 14.68 1.61
CA ALA B 21 32.51 15.99 2.15
C ALA B 21 33.52 17.02 1.69
N VAL B 22 34.82 16.71 1.80
CA VAL B 22 35.84 17.69 1.44
C VAL B 22 35.82 17.94 -0.06
N LEU B 23 35.55 16.91 -0.86
CA LEU B 23 35.50 17.12 -2.30
C LEU B 23 34.24 17.87 -2.71
N THR B 24 33.14 17.70 -1.99
CA THR B 24 31.95 18.51 -2.28
C THR B 24 32.19 19.98 -1.95
N LEU B 25 32.87 20.26 -0.84
CA LEU B 25 33.22 21.64 -0.54
C LEU B 25 34.16 22.20 -1.60
N LEU B 26 35.12 21.39 -2.05
CA LEU B 26 35.99 21.83 -3.14
C LEU B 26 35.21 22.10 -4.41
N SER B 27 34.23 21.25 -4.73
CA SER B 27 33.44 21.45 -5.94
C SER B 27 32.63 22.73 -5.85
N VAL B 28 32.04 23.01 -4.70
CA VAL B 28 31.27 24.24 -4.55
C VAL B 28 32.19 25.45 -4.65
N LEU B 29 33.38 25.37 -4.07
CA LEU B 29 34.33 26.47 -4.21
C LEU B 29 34.74 26.68 -5.66
N LEU B 30 35.00 25.60 -6.39
CA LEU B 30 35.40 25.74 -7.78
C LEU B 30 34.26 26.29 -8.63
N ARG B 31 33.02 25.89 -8.36
CA ARG B 31 31.90 26.47 -9.09
C ARG B 31 31.71 27.95 -8.74
N ALA B 32 31.93 28.31 -7.48
CA ALA B 32 31.84 29.72 -7.10
C ALA B 32 32.91 30.55 -7.81
N VAL B 33 34.13 30.05 -7.88
CA VAL B 33 35.18 30.76 -8.60
C VAL B 33 34.88 30.80 -10.09
N GLY B 34 34.30 29.74 -10.64
CA GLY B 34 33.88 29.76 -12.03
C GLY B 34 32.80 30.78 -12.31
N ALA B 35 31.92 31.01 -11.34
CA ALA B 35 30.88 32.02 -11.51
C ALA B 35 31.41 33.43 -11.25
N VAL B 36 32.16 33.61 -10.17
CA VAL B 36 32.70 34.93 -9.85
C VAL B 36 33.76 35.37 -10.85
N LEU B 37 34.41 34.44 -11.54
CA LEU B 37 35.34 34.83 -12.59
C LEU B 37 34.65 35.51 -13.76
N LEU B 38 33.33 35.40 -13.87
CA LEU B 38 32.61 36.13 -14.90
C LEU B 38 32.65 37.64 -14.69
N ILE B 39 32.98 38.12 -13.50
CA ILE B 39 32.99 39.56 -13.23
C ILE B 39 34.11 40.19 -14.08
N PRO B 40 35.39 39.87 -13.89
CA PRO B 40 36.41 40.49 -14.75
C PRO B 40 36.32 40.03 -16.19
N LEU B 41 35.89 38.79 -16.43
CA LEU B 41 35.83 38.27 -17.80
C LEU B 41 34.83 39.06 -18.63
N LEU B 42 33.60 39.21 -18.12
CA LEU B 42 32.61 40.01 -18.84
C LEU B 42 32.91 41.50 -18.75
N ALA B 43 33.65 41.94 -17.74
CA ALA B 43 34.10 43.33 -17.73
C ALA B 43 35.02 43.60 -18.90
N ALA B 44 35.92 42.65 -19.21
CA ALA B 44 36.82 42.82 -20.34
C ALA B 44 36.09 42.60 -21.67
N LEU B 45 35.15 41.66 -21.71
CA LEU B 45 34.48 41.35 -22.97
C LEU B 45 33.65 42.53 -23.46
N PHE B 46 32.94 43.20 -22.56
CA PHE B 46 32.11 44.35 -22.92
C PHE B 46 32.90 45.64 -23.04
N SER B 47 34.18 45.64 -22.72
CA SER B 47 34.99 46.85 -22.79
C SER B 47 35.33 47.14 -24.26
N ASP B 48 36.18 48.14 -24.47
CA ASP B 48 36.63 48.50 -25.81
C ASP B 48 37.78 47.63 -26.31
N THR B 49 38.34 46.77 -25.46
CA THR B 49 39.43 45.86 -25.83
C THR B 49 39.07 44.46 -25.38
N PRO B 50 38.23 43.74 -26.14
CA PRO B 50 37.87 42.37 -25.73
C PRO B 50 39.04 41.40 -25.66
N SER B 51 40.18 41.73 -26.26
CA SER B 51 41.33 40.83 -26.24
C SER B 51 41.83 40.56 -24.83
N ASP B 52 41.54 41.44 -23.87
CA ASP B 52 41.94 41.22 -22.48
C ASP B 52 41.17 40.08 -21.83
N ALA B 53 40.11 39.58 -22.45
CA ALA B 53 39.29 38.52 -21.85
C ALA B 53 39.92 37.13 -21.99
N TRP B 54 41.00 36.98 -22.74
CA TRP B 54 41.57 35.65 -22.96
C TRP B 54 42.14 35.08 -21.66
N LEU B 55 42.79 35.91 -20.84
CA LEU B 55 43.39 35.42 -19.60
C LEU B 55 42.32 34.89 -18.66
N TRP B 56 41.24 35.64 -18.49
CA TRP B 56 40.18 35.20 -17.59
C TRP B 56 39.45 33.99 -18.14
N LEU B 57 39.33 33.87 -19.47
CA LEU B 57 38.76 32.66 -20.05
C LEU B 57 39.67 31.46 -19.79
N GLY B 58 40.98 31.65 -19.88
CA GLY B 58 41.90 30.57 -19.53
C GLY B 58 41.75 30.13 -18.09
N TRP B 59 41.67 31.09 -17.18
CA TRP B 59 41.49 30.74 -15.77
C TRP B 59 40.15 30.05 -15.55
N LEU B 60 39.09 30.52 -16.22
CA LEU B 60 37.78 29.90 -16.07
C LEU B 60 37.78 28.47 -16.58
N THR B 61 38.42 28.21 -17.72
CA THR B 61 38.41 26.85 -18.24
C THR B 61 39.32 25.93 -17.43
N ALA B 62 40.39 26.47 -16.85
CA ALA B 62 41.17 25.67 -15.89
C ALA B 62 40.32 25.30 -14.68
N VAL B 63 39.55 26.26 -14.16
CA VAL B 63 38.68 25.98 -13.02
C VAL B 63 37.61 24.97 -13.43
N THR B 64 37.13 25.04 -14.67
CA THR B 64 36.12 24.09 -15.14
C THR B 64 36.72 22.68 -15.22
N LEU B 65 37.96 22.56 -15.67
CA LEU B 65 38.60 21.25 -15.69
C LEU B 65 38.77 20.70 -14.28
N ALA B 66 39.20 21.54 -13.35
CA ALA B 66 39.31 21.10 -11.96
C ALA B 66 37.95 20.70 -11.41
N GLY B 67 36.91 21.45 -11.75
CA GLY B 67 35.57 21.09 -11.32
C GLY B 67 35.11 19.76 -11.88
N TRP B 68 35.44 19.50 -13.15
CA TRP B 68 35.10 18.21 -13.74
C TRP B 68 35.80 17.07 -13.01
N VAL B 69 37.09 17.24 -12.71
CA VAL B 69 37.83 16.18 -12.02
C VAL B 69 37.22 15.92 -10.64
N THR B 70 36.98 16.98 -9.87
CA THR B 70 36.41 16.80 -8.54
C THR B 70 35.00 16.24 -8.63
N ASP B 71 34.22 16.63 -9.64
CA ASP B 71 32.86 16.15 -9.75
C ASP B 71 32.81 14.67 -10.10
N THR B 72 33.69 14.21 -10.99
CA THR B 72 33.71 12.77 -11.29
C THR B 72 34.22 11.97 -10.09
N ASN B 73 35.18 12.52 -9.33
CA ASN B 73 35.61 11.84 -8.12
C ASN B 73 34.45 11.71 -7.12
N THR B 74 33.70 12.80 -6.91
CA THR B 74 32.58 12.74 -5.98
C THR B 74 31.48 11.83 -6.50
N ALA B 75 31.28 11.75 -7.81
CA ALA B 75 30.28 10.84 -8.35
C ALA B 75 30.67 9.39 -8.14
N ARG B 76 31.94 9.06 -8.36
CA ARG B 76 32.41 7.70 -8.10
C ARG B 76 32.24 7.34 -6.63
N LEU B 77 32.67 8.24 -5.75
CA LEU B 77 32.48 8.02 -4.32
C LEU B 77 31.00 7.92 -3.97
N GLY B 78 30.15 8.67 -4.66
CA GLY B 78 28.72 8.61 -4.38
C GLY B 78 28.13 7.27 -4.74
N PHE B 79 28.46 6.73 -5.92
CA PHE B 79 27.96 5.41 -6.27
C PHE B 79 28.45 4.36 -5.29
N ASP B 80 29.74 4.42 -4.93
CA ASP B 80 30.29 3.44 -4.00
C ASP B 80 29.57 3.54 -2.65
N LEU B 81 29.42 4.75 -2.13
CA LEU B 81 28.81 4.94 -0.82
C LEU B 81 27.33 4.60 -0.84
N GLY B 82 26.64 4.87 -1.95
CA GLY B 82 25.24 4.51 -2.03
C GLY B 82 25.02 3.01 -1.98
N PHE B 83 25.81 2.26 -2.74
CA PHE B 83 25.69 0.81 -2.69
C PHE B 83 26.06 0.28 -1.30
N ALA B 84 27.12 0.84 -0.71
CA ALA B 84 27.56 0.38 0.61
C ALA B 84 26.49 0.63 1.67
N VAL B 85 25.91 1.83 1.68
CA VAL B 85 24.92 2.15 2.69
C VAL B 85 23.63 1.38 2.45
N LEU B 86 23.28 1.12 1.18
CA LEU B 86 22.14 0.25 0.91
C LEU B 86 22.35 -1.12 1.53
N SER B 87 23.52 -1.73 1.29
CA SER B 87 23.80 -3.05 1.84
C SER B 87 23.77 -3.04 3.35
N ARG B 88 24.42 -2.05 3.97
CA ARG B 88 24.49 -1.98 5.42
C ARG B 88 23.10 -1.81 6.03
N THR B 89 22.31 -0.88 5.50
CA THR B 89 20.98 -0.62 6.04
C THR B 89 20.10 -1.86 5.90
N GLN B 90 20.11 -2.48 4.72
CA GLN B 90 19.25 -3.64 4.51
C GLN B 90 19.65 -4.80 5.42
N HIS B 91 20.95 -5.07 5.56
CA HIS B 91 21.37 -6.18 6.41
C HIS B 91 21.08 -5.90 7.88
N ASP B 92 21.30 -4.67 8.35
CA ASP B 92 20.99 -4.34 9.73
C ASP B 92 19.50 -4.45 9.99
N MET B 93 18.68 -3.99 9.05
CA MET B 93 17.24 -4.11 9.20
C MET B 93 16.79 -5.56 9.23
N ALA B 94 17.37 -6.39 8.36
CA ALA B 94 16.98 -7.80 8.30
C ALA B 94 17.40 -8.55 9.56
N ASP B 95 18.57 -8.22 10.11
CA ASP B 95 19.03 -8.89 11.33
C ASP B 95 18.30 -8.37 12.56
N ARG B 96 17.89 -7.11 12.56
CA ARG B 96 17.24 -6.54 13.74
C ARG B 96 15.87 -7.16 13.99
N LEU B 97 15.11 -7.40 12.92
CA LEU B 97 13.70 -7.76 13.06
C LEU B 97 13.45 -9.03 13.87
N PRO B 98 14.18 -10.13 13.68
CA PRO B 98 13.96 -11.30 14.54
C PRO B 98 14.12 -11.00 16.01
N ASN B 99 14.98 -10.05 16.38
CA ASN B 99 15.14 -9.65 17.77
C ASN B 99 14.13 -8.63 18.23
N VAL B 100 13.36 -8.02 17.32
CA VAL B 100 12.36 -7.04 17.71
C VAL B 100 11.24 -7.73 18.50
N ALA B 101 10.78 -7.07 19.55
CA ALA B 101 9.68 -7.61 20.34
C ALA B 101 8.41 -7.67 19.51
N MET B 102 7.60 -8.71 19.78
CA MET B 102 6.36 -8.90 19.01
C MET B 102 5.34 -7.82 19.26
N SER B 103 5.44 -7.08 20.38
CA SER B 103 4.50 -6.00 20.65
C SER B 103 4.59 -4.90 19.60
N TRP B 104 5.77 -4.72 19.01
CA TRP B 104 5.95 -3.65 18.02
C TRP B 104 5.19 -3.92 16.73
N PHE B 105 4.87 -5.18 16.42
CA PHE B 105 4.31 -5.53 15.11
C PHE B 105 2.80 -5.24 15.05
N THR B 106 2.48 -3.97 15.21
CA THR B 106 1.13 -3.49 14.93
C THR B 106 0.97 -3.35 13.41
N PRO B 107 -0.26 -3.37 12.89
CA PRO B 107 -0.42 -3.43 11.43
C PRO B 107 0.15 -2.22 10.70
N ASP B 108 0.06 -1.03 11.30
CA ASP B 108 0.73 0.12 10.69
C ASP B 108 2.25 -0.05 10.72
N ASN B 109 2.78 -0.55 11.85
CA ASN B 109 4.21 -0.82 11.92
C ASN B 109 4.62 -1.91 10.95
N THR B 110 3.79 -2.94 10.79
CA THR B 110 4.07 -3.97 9.80
C THR B 110 4.09 -3.38 8.40
N ALA B 111 3.17 -2.47 8.10
CA ALA B 111 3.16 -1.83 6.78
C ALA B 111 4.41 -0.99 6.57
N THR B 112 4.82 -0.23 7.59
CA THR B 112 6.02 0.59 7.45
C THR B 112 7.26 -0.28 7.25
N ALA B 113 7.35 -1.38 7.98
CA ALA B 113 8.50 -2.28 7.82
C ALA B 113 8.50 -2.93 6.46
N ARG B 114 7.33 -3.32 5.96
CA ARG B 114 7.25 -3.90 4.62
C ARG B 114 7.68 -2.88 3.57
N GLN B 115 7.25 -1.64 3.71
CA GLN B 115 7.66 -0.59 2.77
C GLN B 115 9.17 -0.37 2.85
N ALA B 116 9.73 -0.35 4.07
CA ALA B 116 11.16 -0.11 4.23
C ALA B 116 11.98 -1.22 3.60
N ILE B 117 11.55 -2.48 3.76
CA ILE B 117 12.31 -3.58 3.20
C ILE B 117 12.15 -3.65 1.68
N ALA B 118 10.94 -3.38 1.18
CA ALA B 118 10.61 -3.65 -0.21
C ALA B 118 11.04 -2.52 -1.16
N ALA B 119 10.53 -1.32 -0.93
CA ALA B 119 10.66 -0.23 -1.89
C ALA B 119 11.91 0.61 -1.72
N THR B 120 12.83 0.22 -0.83
CA THR B 120 14.00 1.02 -0.51
C THR B 120 15.26 0.57 -1.26
N GLY B 121 15.14 -0.35 -2.23
CA GLY B 121 16.30 -0.81 -2.95
C GLY B 121 16.85 0.25 -3.90
N PRO B 122 16.11 0.55 -4.97
CA PRO B 122 16.61 1.54 -5.94
C PRO B 122 16.78 2.93 -5.35
N GLU B 123 15.93 3.31 -4.39
CA GLU B 123 16.02 4.65 -3.83
C GLU B 123 17.31 4.83 -3.03
N LEU B 124 17.61 3.89 -2.14
CA LEU B 124 18.84 3.98 -1.36
C LEU B 124 20.08 3.66 -2.19
N ALA B 125 19.92 2.95 -3.31
CA ALA B 125 21.07 2.68 -4.17
C ALA B 125 21.66 3.97 -4.70
N GLY B 126 20.82 4.85 -5.25
CA GLY B 126 21.25 6.11 -5.85
C GLY B 126 20.87 7.33 -5.04
N LEU B 127 20.66 7.16 -3.73
CA LEU B 127 20.27 8.30 -2.90
C LEU B 127 21.35 9.38 -2.91
N VAL B 128 22.58 8.99 -2.60
CA VAL B 128 23.61 10.00 -2.33
C VAL B 128 24.06 10.70 -3.60
N VAL B 129 23.85 10.10 -4.78
CA VAL B 129 24.24 10.73 -6.04
C VAL B 129 23.09 11.54 -6.63
N ASN B 130 21.85 11.05 -6.52
CA ASN B 130 20.73 11.76 -7.11
C ASN B 130 20.27 12.93 -6.25
N LEU B 131 20.37 12.80 -4.92
CA LEU B 131 19.80 13.77 -4.00
C LEU B 131 20.86 14.55 -3.23
N LEU B 132 21.79 13.87 -2.55
CA LEU B 132 22.66 14.58 -1.63
C LEU B 132 23.62 15.52 -2.36
N THR B 133 24.28 15.02 -3.42
CA THR B 133 25.26 15.88 -4.10
C THR B 133 24.60 17.07 -4.77
N PRO B 134 23.55 16.93 -5.59
CA PRO B 134 22.92 18.13 -6.16
C PRO B 134 22.31 19.03 -5.10
N LEU B 135 21.72 18.47 -4.06
CA LEU B 135 21.11 19.29 -3.01
C LEU B 135 22.16 20.13 -2.30
N ILE B 136 23.25 19.49 -1.88
CA ILE B 136 24.31 20.22 -1.17
C ILE B 136 24.94 21.26 -2.08
N GLY B 137 25.19 20.90 -3.35
CA GLY B 137 25.76 21.87 -4.27
C GLY B 137 24.87 23.07 -4.47
N ALA B 138 23.57 22.84 -4.68
CA ALA B 138 22.65 23.94 -4.90
C ALA B 138 22.41 24.75 -3.64
N ALA B 139 22.54 24.13 -2.47
CA ALA B 139 22.36 24.87 -1.22
C ALA B 139 23.56 25.74 -0.89
N LEU B 140 24.77 25.25 -1.15
CA LEU B 140 25.98 25.97 -0.77
C LEU B 140 26.46 26.95 -1.84
N LEU B 141 26.15 26.70 -3.11
CA LEU B 141 26.67 27.57 -4.16
C LEU B 141 26.18 29.01 -4.05
N PRO B 142 24.89 29.30 -3.80
CA PRO B 142 24.51 30.70 -3.58
C PRO B 142 25.25 31.36 -2.43
N ALA B 143 25.47 30.63 -1.33
CA ALA B 143 26.25 31.19 -0.23
C ALA B 143 27.69 31.40 -0.65
N ALA B 144 28.26 30.48 -1.42
CA ALA B 144 29.65 30.63 -1.86
C ALA B 144 29.80 31.83 -2.77
N ILE B 145 28.88 32.02 -3.71
CA ILE B 145 28.95 33.18 -4.59
C ILE B 145 28.73 34.47 -3.81
N GLY B 146 27.77 34.46 -2.88
CA GLY B 146 27.52 35.65 -2.10
C GLY B 146 28.70 36.07 -1.25
N VAL B 147 29.34 35.10 -0.58
CA VAL B 147 30.52 35.41 0.22
C VAL B 147 31.66 35.86 -0.69
N ALA B 148 31.84 35.18 -1.82
CA ALA B 148 32.91 35.55 -2.74
C ALA B 148 32.70 36.92 -3.38
N LEU B 149 31.46 37.42 -3.38
CA LEU B 149 31.19 38.76 -3.91
C LEU B 149 31.42 39.87 -2.90
N LEU B 150 31.78 39.54 -1.65
CA LEU B 150 32.13 40.58 -0.69
C LEU B 150 33.32 41.41 -1.18
N PHE B 151 34.32 40.74 -1.75
CA PHE B 151 35.52 41.44 -2.18
C PHE B 151 35.24 42.33 -3.38
N VAL B 152 34.40 41.85 -4.30
CA VAL B 152 34.04 42.65 -5.47
C VAL B 152 33.26 43.90 -5.03
N SER B 153 32.32 43.73 -4.11
CA SER B 153 31.53 44.86 -3.61
C SER B 153 30.91 44.46 -2.28
N VAL B 154 31.25 45.18 -1.22
CA VAL B 154 30.72 44.87 0.11
C VAL B 154 29.20 44.96 0.16
N PRO B 155 28.56 46.07 -0.27
CA PRO B 155 27.10 46.09 -0.22
C PRO B 155 26.44 45.04 -1.10
N LEU B 156 26.99 44.80 -2.30
CA LEU B 156 26.39 43.81 -3.18
C LEU B 156 26.52 42.40 -2.61
N GLY B 157 27.71 42.08 -2.10
CA GLY B 157 27.90 40.76 -1.48
C GLY B 157 27.04 40.57 -0.25
N LEU B 158 26.93 41.61 0.58
CA LEU B 158 26.08 41.52 1.77
C LEU B 158 24.61 41.35 1.39
N ALA B 159 24.15 42.09 0.38
CA ALA B 159 22.77 41.95 -0.06
C ALA B 159 22.51 40.55 -0.61
N ALA B 160 23.46 40.02 -1.38
CA ALA B 160 23.29 38.66 -1.89
C ALA B 160 23.26 37.64 -0.76
N LEU B 161 24.12 37.83 0.25
CA LEU B 161 24.15 36.88 1.37
C LEU B 161 22.85 36.94 2.16
N ALA B 162 22.27 38.13 2.32
CA ALA B 162 20.96 38.22 2.97
C ALA B 162 19.87 37.61 2.10
N GLY B 163 19.99 37.79 0.78
CA GLY B 163 19.04 37.18 -0.13
C GLY B 163 19.06 35.67 -0.08
N VAL B 164 20.22 35.09 0.26
CA VAL B 164 20.27 33.64 0.46
C VAL B 164 19.30 33.22 1.54
N ALA B 165 19.35 33.89 2.69
CA ALA B 165 18.44 33.56 3.79
C ALA B 165 16.99 33.84 3.40
N VAL B 166 16.74 34.96 2.71
CA VAL B 166 15.38 35.31 2.34
C VAL B 166 14.80 34.26 1.39
N LEU B 167 15.59 33.82 0.40
CA LEU B 167 15.09 32.87 -0.57
C LEU B 167 14.98 31.46 0.01
N PHE B 168 15.85 31.10 0.96
CA PHE B 168 15.66 29.83 1.64
C PHE B 168 14.40 29.85 2.50
N GLY B 169 14.12 30.97 3.15
CA GLY B 169 12.85 31.11 3.86
C GLY B 169 11.66 30.99 2.92
N ALA B 170 11.77 31.60 1.73
CA ALA B 170 10.71 31.47 0.74
C ALA B 170 10.54 30.03 0.31
N LEU B 171 11.64 29.31 0.12
CA LEU B 171 11.56 27.89 -0.25
C LEU B 171 10.86 27.08 0.84
N ALA B 172 11.22 27.32 2.10
CA ALA B 172 10.58 26.60 3.20
C ALA B 172 9.10 26.90 3.28
N LEU B 173 8.73 28.18 3.12
CA LEU B 173 7.32 28.55 3.14
C LEU B 173 6.57 27.92 1.98
N SER B 174 7.18 27.90 0.79
CA SER B 174 6.54 27.29 -0.37
C SER B 174 6.34 25.80 -0.16
N GLY B 175 7.33 25.11 0.40
CA GLY B 175 7.16 23.70 0.70
C GLY B 175 6.06 23.45 1.71
N ARG B 176 6.01 24.27 2.76
CA ARG B 176 4.95 24.16 3.76
C ARG B 176 3.58 24.30 3.12
N LEU B 177 3.38 25.38 2.35
CA LEU B 177 2.08 25.61 1.73
C LEU B 177 1.74 24.51 0.74
N SER B 178 2.72 24.04 -0.03
CA SER B 178 2.45 23.00 -1.02
C SER B 178 1.99 21.71 -0.35
N ARG B 179 2.73 21.24 0.65
CA ARG B 179 2.34 19.97 1.28
C ARG B 179 1.06 20.13 2.09
N ALA B 180 0.83 21.30 2.70
CA ALA B 180 -0.43 21.51 3.39
C ALA B 180 -1.60 21.51 2.42
N ALA B 181 -1.45 22.13 1.25
CA ALA B 181 -2.52 22.13 0.26
C ALA B 181 -2.78 20.73 -0.26
N ASP B 182 -1.72 19.94 -0.46
CA ASP B 182 -1.91 18.55 -0.87
C ASP B 182 -2.66 17.76 0.20
N LYS B 183 -2.32 17.99 1.47
CA LYS B 183 -3.04 17.35 2.57
C LYS B 183 -4.53 17.73 2.55
N VAL B 184 -4.82 19.02 2.36
CA VAL B 184 -6.21 19.46 2.33
C VAL B 184 -6.95 18.83 1.16
N ALA B 185 -6.31 18.76 -0.01
CA ALA B 185 -6.94 18.15 -1.18
C ALA B 185 -7.27 16.69 -0.93
N GLY B 186 -6.32 15.94 -0.37
CA GLY B 186 -6.58 14.55 -0.03
C GLY B 186 -7.69 14.41 0.99
N GLU B 187 -7.72 15.31 1.97
CA GLU B 187 -8.76 15.26 2.99
C GLU B 187 -10.14 15.48 2.37
N THR B 188 -10.29 16.48 1.49
CA THR B 188 -11.62 16.73 0.94
C THR B 188 -12.04 15.59 0.02
N ASN B 189 -11.10 15.02 -0.74
CA ASN B 189 -11.46 13.90 -1.61
C ASN B 189 -11.89 12.70 -0.79
N SER B 190 -11.17 12.41 0.30
CA SER B 190 -11.56 11.31 1.17
C SER B 190 -12.91 11.56 1.81
N ALA B 191 -13.17 12.80 2.24
CA ALA B 191 -14.46 13.11 2.84
C ALA B 191 -15.60 12.95 1.84
N PHE B 192 -15.37 13.35 0.59
CA PHE B 192 -16.41 13.21 -0.42
C PHE B 192 -16.68 11.74 -0.74
N THR B 193 -15.62 10.93 -0.88
CA THR B 193 -15.79 9.55 -1.30
C THR B 193 -16.06 8.58 -0.15
N GLU B 194 -16.01 9.02 1.10
CA GLU B 194 -16.18 8.08 2.21
C GLU B 194 -17.58 7.48 2.25
N ARG B 195 -18.56 8.12 1.63
CA ARG B 195 -19.91 7.56 1.59
C ARG B 195 -20.08 6.58 0.44
N ILE B 196 -19.32 6.76 -0.65
CA ILE B 196 -19.34 5.79 -1.73
C ILE B 196 -18.73 4.48 -1.27
N ILE B 197 -17.73 4.53 -0.38
CA ILE B 197 -17.17 3.30 0.16
C ILE B 197 -18.23 2.54 0.95
N GLU B 198 -19.02 3.26 1.76
CA GLU B 198 -20.09 2.61 2.50
C GLU B 198 -21.17 2.09 1.56
N PHE B 199 -21.41 2.77 0.45
CA PHE B 199 -22.38 2.29 -0.52
C PHE B 199 -21.89 1.01 -1.19
N ALA B 200 -20.59 0.92 -1.47
CA ALA B 200 -20.05 -0.28 -2.12
C ALA B 200 -19.93 -1.44 -1.15
N ARG B 201 -19.54 -1.16 0.10
CA ARG B 201 -19.34 -2.24 1.08
C ARG B 201 -20.66 -2.94 1.38
N THR B 202 -21.71 -2.16 1.65
CA THR B 202 -23.02 -2.71 1.97
C THR B 202 -23.87 -2.93 0.75
N GLN B 203 -23.27 -3.14 -0.42
CA GLN B 203 -24.05 -3.28 -1.64
C GLN B 203 -24.92 -4.53 -1.60
N GLN B 204 -24.39 -5.63 -1.04
CA GLN B 204 -25.19 -6.84 -0.92
C GLN B 204 -26.40 -6.61 -0.02
N ALA B 205 -26.20 -5.96 1.12
CA ALA B 205 -27.29 -5.77 2.07
C ALA B 205 -28.31 -4.78 1.54
N LEU B 206 -27.85 -3.72 0.87
CA LEU B 206 -28.78 -2.74 0.31
C LEU B 206 -29.55 -3.33 -0.87
N ARG B 207 -28.89 -4.10 -1.72
CA ARG B 207 -29.56 -4.69 -2.87
C ARG B 207 -30.57 -5.75 -2.42
N ALA B 208 -30.15 -6.65 -1.52
CA ALA B 208 -31.04 -7.73 -1.08
C ALA B 208 -32.24 -7.18 -0.32
N ALA B 209 -32.03 -6.16 0.50
CA ALA B 209 -33.13 -5.55 1.23
C ALA B 209 -33.98 -4.63 0.37
N ARG B 210 -33.66 -4.48 -0.92
CA ARG B 210 -34.42 -3.66 -1.86
C ARG B 210 -34.38 -2.18 -1.48
N ARG B 211 -33.33 -1.76 -0.77
CA ARG B 211 -33.12 -0.36 -0.41
C ARG B 211 -32.06 0.31 -1.27
N VAL B 212 -31.70 -0.30 -2.41
CA VAL B 212 -30.62 0.26 -3.22
C VAL B 212 -31.02 1.60 -3.81
N GLU B 213 -32.31 1.76 -4.15
CA GLU B 213 -32.73 3.01 -4.79
C GLU B 213 -32.79 4.16 -3.79
N PRO B 214 -33.50 4.03 -2.64
CA PRO B 214 -33.38 5.09 -1.61
C PRO B 214 -31.96 5.33 -1.14
N ALA B 215 -31.15 4.29 -0.98
CA ALA B 215 -29.79 4.48 -0.51
C ALA B 215 -28.96 5.25 -1.55
N ARG B 216 -29.12 4.91 -2.82
CA ARG B 216 -28.38 5.61 -3.86
C ARG B 216 -28.82 7.06 -3.97
N SER B 217 -30.14 7.30 -3.88
CA SER B 217 -30.63 8.67 -3.93
C SER B 217 -30.11 9.48 -2.75
N GLN B 218 -30.08 8.87 -1.56
CA GLN B 218 -29.57 9.55 -0.38
C GLN B 218 -28.08 9.89 -0.55
N VAL B 219 -27.30 8.94 -1.06
CA VAL B 219 -25.87 9.18 -1.23
C VAL B 219 -25.63 10.28 -2.25
N GLY B 220 -26.38 10.25 -3.36
CA GLY B 220 -26.23 11.28 -4.37
C GLY B 220 -26.63 12.65 -3.86
N SER B 221 -27.73 12.73 -3.10
CA SER B 221 -28.14 14.00 -2.54
C SER B 221 -27.12 14.53 -1.55
N ALA B 222 -26.54 13.64 -0.74
CA ALA B 222 -25.49 14.06 0.19
C ALA B 222 -24.27 14.58 -0.56
N LEU B 223 -23.87 13.89 -1.63
CA LEU B 223 -22.74 14.36 -2.42
C LEU B 223 -23.01 15.74 -3.02
N ALA B 224 -24.21 15.92 -3.57
CA ALA B 224 -24.55 17.21 -4.16
C ALA B 224 -24.57 18.32 -3.10
N ALA B 225 -25.15 18.04 -1.93
CA ALA B 225 -25.21 19.04 -0.88
C ALA B 225 -23.82 19.42 -0.39
N GLN B 226 -22.92 18.43 -0.24
CA GLN B 226 -21.58 18.74 0.22
C GLN B 226 -20.76 19.44 -0.86
N HIS B 227 -21.00 19.13 -2.13
CA HIS B 227 -20.31 19.82 -3.21
C HIS B 227 -20.79 21.25 -3.36
N GLY B 228 -22.05 21.52 -3.02
CA GLY B 228 -22.53 22.89 -3.07
C GLY B 228 -21.74 23.81 -2.16
N ALA B 229 -21.40 23.33 -0.97
CA ALA B 229 -20.57 24.07 -0.03
C ALA B 229 -19.08 23.82 -0.20
N GLY B 230 -18.69 22.93 -1.11
CA GLY B 230 -17.29 22.59 -1.32
C GLY B 230 -16.54 23.48 -2.28
N LEU B 231 -17.15 24.58 -2.73
CA LEU B 231 -16.50 25.50 -3.67
C LEU B 231 -15.63 26.55 -2.97
N ARG B 232 -15.53 26.52 -1.63
CA ARG B 232 -14.75 27.49 -0.88
C ARG B 232 -13.36 26.99 -0.52
N LEU B 233 -12.94 25.84 -1.04
CA LEU B 233 -11.74 25.17 -0.58
C LEU B 233 -10.48 25.68 -1.28
N LEU B 234 -9.34 25.43 -0.65
CA LEU B 234 -8.02 25.62 -1.24
C LEU B 234 -7.79 27.06 -1.68
N THR B 235 -7.81 27.97 -0.71
CA THR B 235 -7.38 29.35 -0.95
C THR B 235 -5.88 29.53 -0.77
N MET B 236 -5.20 28.59 -0.10
CA MET B 236 -3.77 28.64 0.13
C MET B 236 -2.96 27.81 -0.86
N GLN B 237 -3.61 27.17 -1.84
CA GLN B 237 -2.88 26.50 -2.90
C GLN B 237 -2.32 27.48 -3.92
N ILE B 238 -2.96 28.65 -4.06
CA ILE B 238 -2.51 29.63 -5.07
C ILE B 238 -1.08 30.08 -4.81
N PRO B 239 -0.66 30.40 -3.57
CA PRO B 239 0.76 30.74 -3.35
C PRO B 239 1.66 29.52 -3.18
N GLY B 240 1.20 28.33 -3.58
CA GLY B 240 2.00 27.12 -3.44
C GLY B 240 3.34 27.21 -4.13
N GLN B 241 3.33 27.24 -5.46
CA GLN B 241 4.55 27.40 -6.25
C GLN B 241 4.72 28.81 -6.79
N VAL B 242 3.62 29.56 -6.96
CA VAL B 242 3.71 30.91 -7.47
C VAL B 242 4.50 31.81 -6.51
N LEU B 243 4.37 31.55 -5.21
CA LEU B 243 5.06 32.40 -4.23
C LEU B 243 6.57 32.31 -4.39
N PHE B 244 7.10 31.09 -4.56
CA PHE B 244 8.54 30.94 -4.67
C PHE B 244 9.08 31.57 -5.95
N SER B 245 8.43 31.29 -7.09
CA SER B 245 8.89 31.86 -8.35
C SER B 245 8.80 33.38 -8.33
N LEU B 246 7.71 33.91 -7.76
CA LEU B 246 7.56 35.35 -7.67
C LEU B 246 8.63 35.95 -6.76
N ALA B 247 8.95 35.27 -5.65
CA ALA B 247 10.01 35.75 -4.77
C ALA B 247 11.35 35.75 -5.50
N GLY B 248 11.64 34.70 -6.26
CA GLY B 248 12.89 34.65 -7.00
C GLY B 248 12.99 35.75 -8.04
N GLN B 249 11.90 35.98 -8.78
CA GLN B 249 11.93 37.03 -9.79
C GLN B 249 12.00 38.42 -9.16
N VAL B 250 11.35 38.62 -8.01
CA VAL B 250 11.46 39.90 -7.33
C VAL B 250 12.88 40.11 -6.81
N ALA B 251 13.53 39.05 -6.34
CA ALA B 251 14.92 39.16 -5.95
C ALA B 251 15.80 39.49 -7.15
N LEU B 252 15.51 38.89 -8.30
CA LEU B 252 16.26 39.19 -9.51
C LEU B 252 16.12 40.66 -9.88
N ILE B 253 14.89 41.17 -9.84
CA ILE B 253 14.66 42.58 -10.17
C ILE B 253 15.34 43.48 -9.15
N GLY B 254 15.34 43.07 -7.88
CA GLY B 254 16.01 43.86 -6.87
C GLY B 254 17.50 43.95 -7.10
N PHE B 255 18.14 42.82 -7.40
CA PHE B 255 19.57 42.83 -7.68
C PHE B 255 19.89 43.65 -8.93
N ALA B 256 19.09 43.48 -9.98
CA ALA B 256 19.34 44.26 -11.20
C ALA B 256 19.17 45.75 -10.95
N GLY B 257 18.13 46.13 -10.21
CA GLY B 257 17.94 47.53 -9.90
C GLY B 257 19.04 48.09 -9.03
N MET B 258 19.56 47.29 -8.10
CA MET B 258 20.65 47.75 -7.27
C MET B 258 21.93 47.93 -8.09
N ALA B 259 22.18 47.03 -9.04
CA ALA B 259 23.32 47.22 -9.93
C ALA B 259 23.16 48.48 -10.76
N VAL B 260 21.94 48.74 -11.25
CA VAL B 260 21.69 49.97 -12.01
C VAL B 260 21.92 51.19 -11.13
N TRP B 261 21.45 51.13 -9.88
CA TRP B 261 21.61 52.26 -8.97
C TRP B 261 23.08 52.52 -8.68
N LEU B 262 23.86 51.47 -8.48
CA LEU B 262 25.29 51.65 -8.25
C LEU B 262 25.99 52.18 -9.51
N THR B 263 25.52 51.77 -10.69
CA THR B 263 26.07 52.35 -11.92
C THR B 263 25.79 53.84 -11.99
N VAL B 264 24.57 54.25 -11.62
CA VAL B 264 24.24 55.68 -11.62
C VAL B 264 25.08 56.41 -10.59
N ARG B 265 25.28 55.79 -9.42
CA ARG B 265 26.07 56.41 -8.36
C ARG B 265 27.56 56.41 -8.66
N GLY B 266 28.00 55.71 -9.71
CA GLY B 266 29.38 55.74 -10.13
C GLY B 266 30.31 54.75 -9.46
N GLN B 267 29.80 53.92 -8.55
CA GLN B 267 30.65 52.95 -7.86
C GLN B 267 31.03 51.77 -8.76
N LEU B 268 30.31 51.54 -9.86
CA LEU B 268 30.58 50.44 -10.78
C LEU B 268 30.54 50.94 -12.21
N GLY B 269 31.38 50.35 -13.06
CA GLY B 269 31.30 50.62 -14.48
C GLY B 269 30.17 49.87 -15.15
N VAL B 270 29.82 50.34 -16.35
CA VAL B 270 28.74 49.67 -17.10
C VAL B 270 29.11 48.23 -17.46
N PRO B 271 30.30 47.93 -17.98
CA PRO B 271 30.64 46.51 -18.22
C PRO B 271 30.59 45.67 -16.96
N GLU B 272 31.13 46.17 -15.85
CA GLU B 272 31.07 45.40 -14.61
C GLU B 272 29.66 45.36 -14.05
N ALA B 273 28.84 46.37 -14.34
CA ALA B 273 27.43 46.29 -13.93
C ALA B 273 26.71 45.17 -14.68
N ILE B 274 26.95 45.05 -15.98
CA ILE B 274 26.35 43.96 -16.75
C ILE B 274 26.88 42.61 -16.25
N ALA B 275 28.19 42.56 -15.95
CA ALA B 275 28.77 41.32 -15.43
C ALA B 275 28.15 40.95 -14.10
N LEU B 276 27.90 41.94 -13.24
CA LEU B 276 27.29 41.66 -11.94
C LEU B 276 25.85 41.21 -12.10
N ILE B 277 25.13 41.76 -13.08
CA ILE B 277 23.79 41.26 -13.37
C ILE B 277 23.85 39.79 -13.75
N VAL B 278 24.79 39.43 -14.64
CA VAL B 278 24.89 38.04 -15.07
C VAL B 278 25.27 37.14 -13.90
N VAL B 279 26.21 37.58 -13.06
CA VAL B 279 26.67 36.74 -11.96
C VAL B 279 25.57 36.59 -10.91
N LEU B 280 24.82 37.65 -10.64
CA LEU B 280 23.70 37.52 -9.72
C LEU B 280 22.53 36.77 -10.33
N VAL B 281 22.54 36.53 -11.64
CA VAL B 281 21.65 35.54 -12.22
C VAL B 281 22.21 34.13 -12.05
N ARG B 282 23.53 33.96 -12.03
CA ARG B 282 24.10 32.68 -11.60
C ARG B 282 23.71 32.38 -10.15
N TYR B 283 23.63 33.44 -9.34
CA TYR B 283 23.35 33.28 -7.92
C TYR B 283 21.97 32.71 -7.67
N LEU B 284 20.97 33.15 -8.43
CA LEU B 284 19.60 32.66 -8.24
C LEU B 284 19.35 31.31 -8.91
N GLU B 285 20.22 30.90 -9.82
CA GLU B 285 19.97 29.66 -10.57
C GLU B 285 19.93 28.42 -9.69
N PRO B 286 20.80 28.24 -8.68
CA PRO B 286 20.68 27.04 -7.83
C PRO B 286 19.34 26.87 -7.14
N PHE B 287 18.67 27.97 -6.76
CA PHE B 287 17.42 27.84 -6.00
C PHE B 287 16.34 27.13 -6.79
N ALA B 288 16.38 27.22 -8.13
CA ALA B 288 15.44 26.44 -8.93
C ALA B 288 15.70 24.94 -8.78
N ALA B 289 16.96 24.55 -8.70
CA ALA B 289 17.29 23.13 -8.59
C ALA B 289 16.76 22.55 -7.29
N ILE B 290 16.84 23.30 -6.19
CA ILE B 290 16.33 22.80 -4.92
C ILE B 290 14.82 22.62 -4.99
N ALA B 291 14.12 23.56 -5.62
CA ALA B 291 12.67 23.43 -5.78
C ALA B 291 12.33 22.22 -6.62
N ASP B 292 13.09 21.97 -7.69
CA ASP B 292 12.85 20.79 -8.50
C ASP B 292 13.10 19.50 -7.71
N LEU B 293 14.13 19.51 -6.85
CA LEU B 293 14.47 18.34 -6.06
C LEU B 293 13.62 18.18 -4.80
N ALA B 294 12.76 19.14 -4.50
CA ALA B 294 12.00 19.09 -3.25
C ALA B 294 11.12 17.86 -3.12
N PRO B 295 10.32 17.45 -4.12
CA PRO B 295 9.53 16.22 -3.95
C PRO B 295 10.37 14.99 -3.70
N ALA B 296 11.51 14.85 -4.40
CA ALA B 296 12.39 13.73 -4.16
C ALA B 296 12.95 13.78 -2.74
N LEU B 297 13.25 14.98 -2.25
CA LEU B 297 13.70 15.13 -0.87
C LEU B 297 12.62 14.68 0.10
N GLU B 298 11.35 15.00 -0.19
CA GLU B 298 10.26 14.58 0.68
C GLU B 298 10.13 13.06 0.70
N THR B 299 10.22 12.42 -0.47
CA THR B 299 10.14 10.96 -0.52
C THR B 299 11.31 10.32 0.22
N THR B 300 12.51 10.87 0.06
CA THR B 300 13.67 10.34 0.77
C THR B 300 13.51 10.52 2.28
N ARG B 301 12.96 11.65 2.71
CA ARG B 301 12.73 11.86 4.13
C ARG B 301 11.73 10.85 4.68
N ALA B 302 10.68 10.56 3.90
CA ALA B 302 9.71 9.55 4.33
C ALA B 302 10.37 8.17 4.45
N THR B 303 11.17 7.80 3.45
CA THR B 303 11.83 6.49 3.49
C THR B 303 12.79 6.40 4.66
N LEU B 304 13.54 7.47 4.93
CA LEU B 304 14.47 7.46 6.04
C LEU B 304 13.75 7.45 7.37
N ASN B 305 12.58 8.09 7.45
CA ASN B 305 11.76 7.99 8.66
C ASN B 305 11.31 6.56 8.88
N ARG B 306 10.92 5.86 7.82
CA ARG B 306 10.54 4.46 7.96
C ARG B 306 11.72 3.61 8.43
N ILE B 307 12.89 3.83 7.84
CA ILE B 307 14.07 3.05 8.23
C ILE B 307 14.45 3.34 9.67
N GLN B 308 14.31 4.60 10.10
CA GLN B 308 14.57 4.95 11.49
C GLN B 308 13.57 4.28 12.41
N ALA B 309 12.30 4.22 12.01
CA ALA B 309 11.29 3.59 12.84
C ALA B 309 11.59 2.10 13.02
N VAL B 310 11.99 1.42 11.96
CA VAL B 310 12.31 0.00 12.08
C VAL B 310 13.58 -0.19 12.91
N LEU B 311 14.60 0.62 12.65
CA LEU B 311 15.88 0.45 13.35
C LEU B 311 15.78 0.81 14.82
N ASP B 312 14.78 1.58 15.23
CA ASP B 312 14.59 1.99 16.62
C ASP B 312 13.52 1.17 17.33
N ALA B 313 13.11 0.04 16.76
CA ALA B 313 12.08 -0.77 17.38
C ALA B 313 12.60 -1.40 18.67
N PRO B 314 11.74 -1.69 19.64
CA PRO B 314 12.22 -2.27 20.90
C PRO B 314 12.74 -3.69 20.70
N THR B 315 13.67 -4.08 21.58
CA THR B 315 14.32 -5.37 21.52
C THR B 315 14.10 -6.11 22.82
N LEU B 316 13.86 -7.41 22.73
CA LEU B 316 13.61 -8.22 23.91
C LEU B 316 14.88 -8.29 24.76
N PRO B 317 14.81 -8.08 26.08
CA PRO B 317 16.02 -8.24 26.90
C PRO B 317 16.50 -9.67 26.93
N ALA B 318 17.81 -9.83 27.08
CA ALA B 318 18.44 -11.14 27.19
C ALA B 318 18.45 -11.58 28.65
N GLY B 319 19.02 -12.76 28.90
CA GLY B 319 19.10 -13.29 30.24
C GLY B 319 20.01 -14.51 30.35
N GLY B 327 15.60 -32.36 30.85
CA GLY B 327 14.54 -32.14 29.89
C GLY B 327 13.19 -32.66 30.36
N ALA B 328 12.94 -32.54 31.66
CA ALA B 328 11.68 -32.97 32.24
C ALA B 328 10.59 -31.94 31.98
N ALA B 329 9.35 -32.34 32.26
CA ALA B 329 8.21 -31.47 32.00
C ALA B 329 8.24 -30.28 32.96
N PRO B 330 8.32 -29.03 32.49
CA PRO B 330 8.25 -27.90 33.42
C PRO B 330 6.83 -27.67 33.94
N SER B 331 6.76 -27.03 35.10
CA SER B 331 5.50 -26.62 35.70
C SER B 331 5.27 -25.16 35.36
N ILE B 332 4.30 -24.90 34.50
CA ILE B 332 4.00 -23.55 34.07
C ILE B 332 3.10 -22.90 35.11
N GLU B 333 3.52 -21.74 35.61
CA GLU B 333 2.83 -21.05 36.71
C GLU B 333 2.70 -19.58 36.38
N PHE B 334 1.52 -19.03 36.69
CA PHE B 334 1.20 -17.62 36.49
C PHE B 334 1.01 -16.95 37.85
N ASP B 335 1.56 -15.75 37.99
CA ASP B 335 1.50 -14.98 39.24
C ASP B 335 1.00 -13.57 38.92
N ASP B 336 -0.32 -13.40 38.93
CA ASP B 336 -0.96 -12.09 38.74
C ASP B 336 -0.53 -11.44 37.43
N VAL B 337 -0.50 -12.23 36.36
CA VAL B 337 -0.04 -11.73 35.07
C VAL B 337 -1.09 -10.78 34.52
N ARG B 338 -0.63 -9.67 33.94
CA ARG B 338 -1.48 -8.71 33.25
C ARG B 338 -0.85 -8.37 31.91
N PHE B 339 -1.69 -8.18 30.90
CA PHE B 339 -1.22 -7.84 29.56
C PHE B 339 -2.27 -6.97 28.90
N SER B 340 -1.81 -6.11 27.99
CA SER B 340 -2.68 -5.15 27.32
C SER B 340 -2.13 -4.83 25.95
N TYR B 341 -3.00 -4.86 24.93
CA TYR B 341 -2.63 -4.45 23.57
C TYR B 341 -2.77 -2.94 23.47
N GLY B 342 -1.89 -2.25 24.19
CA GLY B 342 -1.94 -0.80 24.31
C GLY B 342 -2.78 -0.37 25.52
N ASP B 343 -4.03 0.01 25.27
CA ASP B 343 -4.97 0.38 26.32
C ASP B 343 -5.94 -0.72 26.68
N GLU B 344 -6.37 -1.54 25.71
CA GLU B 344 -7.28 -2.63 26.00
C GLU B 344 -6.58 -3.70 26.81
N VAL B 345 -7.24 -4.15 27.88
CA VAL B 345 -6.67 -5.14 28.80
C VAL B 345 -7.16 -6.52 28.40
N VAL B 346 -6.23 -7.48 28.33
CA VAL B 346 -6.54 -8.85 27.94
C VAL B 346 -6.43 -9.82 29.10
N LEU B 347 -5.62 -9.51 30.12
CA LEU B 347 -5.53 -10.32 31.33
C LEU B 347 -5.58 -9.41 32.54
N ASP B 348 -6.18 -9.90 33.62
CA ASP B 348 -6.39 -9.11 34.84
C ASP B 348 -6.23 -10.04 36.04
N GLY B 349 -5.02 -10.06 36.61
CA GLY B 349 -4.78 -10.85 37.81
C GLY B 349 -4.98 -12.33 37.60
N VAL B 350 -4.64 -12.84 36.43
CA VAL B 350 -4.79 -14.27 36.14
C VAL B 350 -3.65 -15.01 36.82
N SER B 351 -4.00 -16.02 37.62
CA SER B 351 -3.03 -16.82 38.36
C SER B 351 -3.48 -18.27 38.35
N PHE B 352 -2.58 -19.16 37.96
CA PHE B 352 -2.86 -20.59 37.94
C PHE B 352 -1.54 -21.33 37.86
N THR B 353 -1.62 -22.65 38.01
CA THR B 353 -0.44 -23.52 37.94
C THR B 353 -0.81 -24.79 37.20
N LEU B 354 0.03 -25.19 36.26
CA LEU B 354 -0.16 -26.40 35.47
C LEU B 354 0.80 -27.48 35.97
N ARG B 355 0.25 -28.63 36.33
CA ARG B 355 1.09 -29.72 36.82
C ARG B 355 2.01 -30.20 35.69
N PRO B 356 3.23 -30.62 35.98
CA PRO B 356 4.12 -31.08 34.90
C PRO B 356 3.62 -32.38 34.30
N GLY B 357 3.41 -32.37 32.98
CA GLY B 357 2.96 -33.54 32.25
C GLY B 357 1.46 -33.65 32.06
N ASN B 358 0.67 -32.91 32.84
CA ASN B 358 -0.78 -32.98 32.72
C ASN B 358 -1.25 -32.08 31.59
N THR B 359 -2.02 -32.65 30.67
CA THR B 359 -2.44 -31.95 29.45
C THR B 359 -3.55 -30.97 29.81
N THR B 360 -3.16 -29.76 30.20
CA THR B 360 -4.13 -28.70 30.42
C THR B 360 -4.82 -28.35 29.11
N ALA B 361 -6.09 -27.95 29.21
CA ALA B 361 -6.90 -27.63 28.03
C ALA B 361 -7.67 -26.35 28.30
N ILE B 362 -7.08 -25.22 27.91
CA ILE B 362 -7.76 -23.94 28.03
C ILE B 362 -8.94 -23.91 27.08
N VAL B 363 -10.07 -23.37 27.55
CA VAL B 363 -11.25 -23.13 26.73
C VAL B 363 -11.88 -21.82 27.20
N GLY B 364 -12.84 -21.34 26.41
CA GLY B 364 -13.59 -20.16 26.77
C GLY B 364 -14.09 -19.39 25.58
N PRO B 365 -14.74 -18.25 25.82
CA PRO B 365 -15.20 -17.41 24.70
C PRO B 365 -14.04 -16.85 23.90
N SER B 366 -14.38 -16.17 22.82
CA SER B 366 -13.41 -15.63 21.88
C SER B 366 -13.01 -14.22 22.32
N GLY B 367 -11.78 -13.85 21.97
CA GLY B 367 -11.24 -12.60 22.45
C GLY B 367 -11.05 -12.56 23.95
N SER B 368 -10.95 -13.72 24.60
CA SER B 368 -10.79 -13.82 26.05
C SER B 368 -9.34 -13.99 26.47
N GLY B 369 -8.39 -13.93 25.54
CA GLY B 369 -6.98 -14.05 25.88
C GLY B 369 -6.43 -15.46 25.88
N LYS B 370 -7.11 -16.41 25.25
CA LYS B 370 -6.59 -17.77 25.19
C LYS B 370 -5.28 -17.82 24.41
N THR B 371 -5.31 -17.37 23.15
CA THR B 371 -4.11 -17.30 22.36
C THR B 371 -3.08 -16.38 23.00
N THR B 372 -3.53 -15.33 23.67
CA THR B 372 -2.61 -14.47 24.40
C THR B 372 -1.90 -15.24 25.51
N ILE B 373 -2.65 -16.06 26.26
CA ILE B 373 -2.03 -16.84 27.34
C ILE B 373 -1.01 -17.81 26.77
N LEU B 374 -1.35 -18.47 25.66
CA LEU B 374 -0.39 -19.36 25.02
C LEU B 374 0.86 -18.60 24.57
N SER B 375 0.67 -17.40 24.02
CA SER B 375 1.81 -16.61 23.58
C SER B 375 2.71 -16.22 24.76
N LEU B 376 2.12 -15.81 25.87
CA LEU B 376 2.94 -15.47 27.04
C LEU B 376 3.66 -16.70 27.56
N ILE B 377 3.02 -17.87 27.49
CA ILE B 377 3.69 -19.10 27.92
C ILE B 377 4.88 -19.40 27.00
N ALA B 378 4.72 -19.12 25.70
CA ALA B 378 5.77 -19.41 24.73
C ALA B 378 6.84 -18.33 24.67
N GLY B 379 6.65 -17.19 25.34
CA GLY B 379 7.66 -16.15 25.33
C GLY B 379 7.65 -15.24 24.13
N LEU B 380 6.65 -15.36 23.24
CA LEU B 380 6.55 -14.43 22.12
C LEU B 380 6.37 -12.99 22.62
N GLN B 381 5.48 -12.80 23.58
CA GLN B 381 5.32 -11.55 24.32
C GLN B 381 5.77 -11.76 25.75
N GLN B 382 5.81 -10.66 26.50
CA GLN B 382 6.18 -10.66 27.91
C GLN B 382 5.00 -10.16 28.74
N PRO B 383 4.91 -10.53 30.02
CA PRO B 383 3.80 -10.03 30.84
C PRO B 383 4.04 -8.58 31.25
N ALA B 384 3.05 -7.73 30.99
CA ALA B 384 3.16 -6.32 31.36
C ALA B 384 3.34 -6.15 32.87
N SER B 385 2.77 -7.06 33.65
CA SER B 385 2.98 -7.10 35.09
C SER B 385 2.95 -8.54 35.54
N GLY B 386 3.51 -8.79 36.73
CA GLY B 386 3.58 -10.16 37.23
C GLY B 386 4.68 -10.95 36.56
N ARG B 387 4.61 -12.27 36.72
CA ARG B 387 5.64 -13.18 36.26
C ARG B 387 5.01 -14.37 35.54
N VAL B 388 5.74 -14.92 34.59
CA VAL B 388 5.39 -16.16 33.88
C VAL B 388 6.53 -17.14 34.12
N LEU B 389 6.28 -18.16 34.93
CA LEU B 389 7.31 -19.07 35.40
C LEU B 389 7.25 -20.38 34.64
N LEU B 390 8.43 -20.94 34.37
CA LEU B 390 8.59 -22.29 33.84
C LEU B 390 9.48 -23.04 34.83
N ASP B 391 8.87 -23.84 35.70
CA ASP B 391 9.61 -24.55 36.75
C ASP B 391 10.30 -23.57 37.69
N GLY B 392 9.62 -22.47 38.01
CA GLY B 392 10.14 -21.49 38.93
C GLY B 392 11.12 -20.49 38.35
N VAL B 393 11.38 -20.55 37.04
CA VAL B 393 12.29 -19.62 36.37
C VAL B 393 11.45 -18.68 35.51
N ASP B 394 11.67 -17.37 35.67
CA ASP B 394 10.94 -16.40 34.88
C ASP B 394 11.29 -16.54 33.41
N VAL B 395 10.28 -16.40 32.56
CA VAL B 395 10.48 -16.56 31.12
C VAL B 395 11.39 -15.46 30.58
N THR B 396 11.30 -14.25 31.14
CA THR B 396 12.10 -13.14 30.63
C THR B 396 13.59 -13.37 30.82
N THR B 397 13.99 -14.07 31.87
CA THR B 397 15.39 -14.29 32.18
C THR B 397 16.00 -15.46 31.41
N LEU B 398 15.22 -16.18 30.61
CA LEU B 398 15.75 -17.32 29.89
C LEU B 398 16.74 -16.87 28.82
N ASP B 399 17.75 -17.71 28.59
CA ASP B 399 18.69 -17.47 27.52
C ASP B 399 17.97 -17.55 26.17
N PRO B 400 18.42 -16.82 25.14
CA PRO B 400 17.76 -16.97 23.83
C PRO B 400 17.77 -18.38 23.28
N GLU B 401 18.89 -19.11 23.41
CA GLU B 401 18.91 -20.50 22.98
C GLU B 401 17.97 -21.34 23.82
N ALA B 402 17.97 -21.14 25.14
CA ALA B 402 17.02 -21.84 25.99
C ALA B 402 15.60 -21.36 25.74
N ARG B 403 15.42 -20.09 25.36
CA ARG B 403 14.10 -19.60 25.02
C ARG B 403 13.54 -20.34 23.81
N ARG B 404 14.39 -20.59 22.80
CA ARG B 404 13.94 -21.35 21.64
C ARG B 404 13.74 -22.82 21.97
N ALA B 405 14.63 -23.39 22.79
CA ALA B 405 14.61 -24.82 23.03
C ALA B 405 13.56 -25.26 24.06
N ALA B 406 12.87 -24.32 24.71
CA ALA B 406 11.99 -24.69 25.81
C ALA B 406 10.57 -25.03 25.33
N VAL B 407 10.04 -24.25 24.40
CA VAL B 407 8.62 -24.28 24.06
C VAL B 407 8.45 -24.55 22.57
N SER B 408 7.51 -25.44 22.24
CA SER B 408 7.08 -25.70 20.87
C SER B 408 5.60 -25.35 20.75
N VAL B 409 5.21 -24.78 19.61
CA VAL B 409 3.88 -24.21 19.43
C VAL B 409 3.31 -24.63 18.09
N VAL B 410 2.01 -24.94 18.09
CA VAL B 410 1.22 -25.04 16.86
C VAL B 410 0.36 -23.78 16.82
N PHE B 411 0.63 -22.91 15.85
CA PHE B 411 -0.09 -21.65 15.78
C PHE B 411 -1.47 -21.85 15.17
N GLN B 412 -2.32 -20.85 15.34
CA GLN B 412 -3.66 -20.91 14.73
C GLN B 412 -3.54 -20.99 13.22
N HIS B 413 -2.77 -20.10 12.62
CA HIS B 413 -2.39 -20.23 11.23
C HIS B 413 -1.23 -21.21 11.10
N PRO B 414 -1.07 -21.85 9.94
CA PRO B 414 0.02 -22.85 9.84
C PRO B 414 1.40 -22.24 9.75
N TYR B 415 1.51 -21.06 9.13
CA TYR B 415 2.80 -20.37 8.94
C TYR B 415 3.78 -21.28 8.18
N LEU B 416 3.39 -21.62 6.95
CA LEU B 416 4.23 -22.40 6.04
C LEU B 416 4.91 -21.47 5.04
N PHE B 417 5.99 -21.99 4.44
CA PHE B 417 6.77 -21.27 3.45
C PHE B 417 6.94 -22.14 2.21
N ASP B 418 7.29 -21.49 1.11
CA ASP B 418 7.53 -22.22 -0.13
C ASP B 418 8.76 -23.10 0.01
N GLY B 419 8.61 -24.35 -0.37
CA GLY B 419 9.67 -25.33 -0.23
C GLY B 419 9.08 -26.72 -0.08
N THR B 420 9.98 -27.69 0.03
CA THR B 420 9.54 -29.07 0.18
C THR B 420 8.82 -29.26 1.51
N LEU B 421 7.86 -30.19 1.52
CA LEU B 421 7.17 -30.54 2.76
C LEU B 421 8.16 -31.02 3.80
N ARG B 422 9.15 -31.81 3.37
CA ARG B 422 10.17 -32.29 4.29
C ARG B 422 10.91 -31.14 4.94
N ASP B 423 11.43 -30.20 4.13
CA ASP B 423 12.18 -29.08 4.69
C ASP B 423 11.31 -28.23 5.61
N ASN B 424 10.02 -28.14 5.33
CA ASN B 424 9.11 -27.51 6.29
C ASN B 424 9.08 -28.27 7.59
N VAL B 425 9.08 -29.60 7.52
CA VAL B 425 9.01 -30.40 8.75
C VAL B 425 10.29 -30.28 9.56
N LEU B 426 11.46 -30.26 8.90
CA LEU B 426 12.72 -30.27 9.64
C LEU B 426 13.00 -29.00 10.42
N VAL B 427 12.29 -27.89 10.17
CA VAL B 427 12.66 -26.66 10.87
C VAL B 427 12.40 -26.76 12.36
N GLY B 428 11.57 -27.71 12.80
CA GLY B 428 11.47 -27.97 14.23
C GLY B 428 12.78 -28.43 14.83
N ASP B 429 13.53 -29.25 14.09
CA ASP B 429 14.82 -29.74 14.53
C ASP B 429 15.64 -30.19 13.31
N PRO B 430 16.36 -29.29 12.65
CA PRO B 430 17.05 -29.69 11.39
C PRO B 430 18.08 -30.78 11.56
N GLU B 431 18.60 -30.99 12.77
CA GLU B 431 19.55 -32.07 13.03
C GLU B 431 18.86 -33.40 13.32
N ALA B 432 17.53 -33.46 13.28
CA ALA B 432 16.82 -34.68 13.60
C ALA B 432 17.12 -35.79 12.60
N ASP B 433 17.20 -37.01 13.09
CA ASP B 433 17.44 -38.17 12.24
C ASP B 433 16.18 -38.52 11.45
N PRO B 434 16.30 -39.34 10.39
CA PRO B 434 15.10 -39.74 9.65
C PRO B 434 14.08 -40.49 10.51
N ASP B 435 14.51 -41.19 11.55
CA ASP B 435 13.58 -41.92 12.40
C ASP B 435 12.64 -40.97 13.12
N ASP B 436 13.18 -39.89 13.69
CA ASP B 436 12.34 -38.91 14.37
C ASP B 436 11.41 -38.20 13.38
N VAL B 437 11.90 -37.95 12.16
CA VAL B 437 11.06 -37.30 11.16
C VAL B 437 9.89 -38.21 10.78
N THR B 438 10.16 -39.51 10.60
CA THR B 438 9.10 -40.46 10.31
C THR B 438 8.10 -40.55 11.46
N ALA B 439 8.61 -40.55 12.70
CA ALA B 439 7.71 -40.57 13.86
C ALA B 439 6.83 -39.34 13.90
N ALA B 440 7.41 -38.17 13.63
CA ALA B 440 6.63 -36.93 13.65
C ALA B 440 5.58 -36.93 12.55
N MET B 441 5.94 -37.40 11.35
CA MET B 441 4.95 -37.41 10.26
C MET B 441 3.86 -38.44 10.52
N ARG B 442 4.18 -39.56 11.16
CA ARG B 442 3.13 -40.53 11.51
C ARG B 442 2.21 -39.96 12.58
N LEU B 443 2.78 -39.40 13.66
CA LEU B 443 1.96 -38.89 14.75
C LEU B 443 1.09 -37.73 14.29
N ALA B 444 1.57 -36.95 13.34
CA ALA B 444 0.76 -35.89 12.73
C ALA B 444 -0.14 -36.40 11.61
N ARG B 445 -0.08 -37.70 11.29
CA ARG B 445 -0.85 -38.28 10.19
C ARG B 445 -0.55 -37.58 8.88
N VAL B 446 0.72 -37.21 8.69
CA VAL B 446 1.15 -36.64 7.41
C VAL B 446 1.37 -37.72 6.36
N ASP B 447 1.62 -38.97 6.78
CA ASP B 447 1.82 -40.04 5.82
C ASP B 447 0.60 -40.26 4.94
N GLU B 448 -0.59 -39.99 5.47
CA GLU B 448 -1.79 -40.04 4.64
C GLU B 448 -1.73 -38.99 3.54
N LEU B 449 -1.24 -37.80 3.87
CA LEU B 449 -1.06 -36.77 2.86
C LEU B 449 0.00 -37.14 1.84
N LEU B 450 1.02 -37.92 2.25
CA LEU B 450 2.06 -38.32 1.32
C LEU B 450 1.49 -39.18 0.20
N ASP B 451 0.46 -39.98 0.49
CA ASP B 451 -0.21 -40.73 -0.58
C ASP B 451 -0.85 -39.78 -1.58
N ARG B 452 -1.44 -38.69 -1.10
CA ARG B 452 -2.06 -37.72 -2.02
C ARG B 452 -1.00 -37.04 -2.88
N LEU B 453 0.13 -36.66 -2.29
CA LEU B 453 1.12 -35.88 -3.02
C LEU B 453 1.79 -36.73 -4.09
N PRO B 454 2.23 -36.13 -5.21
CA PRO B 454 2.87 -36.93 -6.25
C PRO B 454 4.28 -37.36 -5.91
N ASP B 455 5.10 -36.45 -5.37
CA ASP B 455 6.52 -36.70 -5.12
C ASP B 455 6.81 -37.13 -3.68
N GLY B 456 5.77 -37.32 -2.86
CA GLY B 456 6.00 -37.73 -1.49
C GLY B 456 6.40 -36.56 -0.59
N ASP B 457 7.22 -36.87 0.41
CA ASP B 457 7.61 -35.87 1.41
C ASP B 457 8.49 -34.77 0.85
N ALA B 458 9.06 -34.93 -0.33
CA ALA B 458 9.86 -33.90 -0.97
C ALA B 458 9.03 -32.94 -1.81
N THR B 459 7.70 -33.10 -1.85
CA THR B 459 6.86 -32.26 -2.68
C THR B 459 6.88 -30.82 -2.19
N VAL B 460 6.98 -29.89 -3.13
CA VAL B 460 6.94 -28.47 -2.80
C VAL B 460 5.55 -28.10 -2.31
N VAL B 461 5.49 -27.40 -1.16
CA VAL B 461 4.24 -27.00 -0.53
C VAL B 461 3.96 -25.51 -0.71
N GLY B 462 4.73 -24.82 -1.54
CA GLY B 462 4.45 -23.42 -1.81
C GLY B 462 3.15 -23.28 -2.59
N GLU B 463 2.67 -22.04 -2.64
CA GLU B 463 1.44 -21.77 -3.40
C GLU B 463 1.63 -22.07 -4.87
N GLY B 464 2.79 -21.71 -5.43
CA GLY B 464 3.12 -22.11 -6.78
C GLY B 464 3.49 -23.57 -6.92
N GLY B 465 3.89 -24.21 -5.82
CA GLY B 465 4.28 -25.61 -5.85
C GLY B 465 3.10 -26.55 -5.68
N THR B 466 2.38 -26.42 -4.57
CA THR B 466 1.21 -27.25 -4.30
C THR B 466 0.26 -26.48 -3.41
N ALA B 467 -1.01 -26.41 -3.81
CA ALA B 467 -2.02 -25.66 -3.06
C ALA B 467 -2.68 -26.60 -2.07
N LEU B 468 -2.14 -26.63 -0.86
CA LEU B 468 -2.69 -27.47 0.20
C LEU B 468 -3.88 -26.77 0.87
N SER B 469 -4.84 -27.59 1.30
CA SER B 469 -6.00 -27.08 2.01
C SER B 469 -5.65 -26.90 3.50
N GLY B 470 -6.62 -26.43 4.27
CA GLY B 470 -6.36 -26.11 5.67
C GLY B 470 -5.95 -27.31 6.49
N GLY B 471 -6.59 -28.45 6.27
CA GLY B 471 -6.28 -29.64 7.06
C GLY B 471 -4.86 -30.11 6.86
N GLU B 472 -4.39 -30.15 5.61
CA GLU B 472 -3.03 -30.58 5.34
C GLU B 472 -2.01 -29.61 5.93
N ARG B 473 -2.28 -28.31 5.81
CA ARG B 473 -1.37 -27.31 6.38
C ARG B 473 -1.28 -27.46 7.89
N GLN B 474 -2.43 -27.66 8.56
CA GLN B 474 -2.40 -27.86 10.00
C GLN B 474 -1.72 -29.16 10.38
N ARG B 475 -1.86 -30.21 9.57
CA ARG B 475 -1.17 -31.46 9.87
C ARG B 475 0.34 -31.30 9.79
N VAL B 476 0.84 -30.61 8.76
CA VAL B 476 2.28 -30.40 8.69
C VAL B 476 2.74 -29.47 9.81
N SER B 477 1.90 -28.51 10.22
CA SER B 477 2.25 -27.69 11.38
C SER B 477 2.37 -28.54 12.64
N ILE B 478 1.45 -29.48 12.83
CA ILE B 478 1.53 -30.38 13.98
C ILE B 478 2.77 -31.23 13.91
N ALA B 479 3.16 -31.65 12.70
CA ALA B 479 4.41 -32.38 12.54
C ALA B 479 5.61 -31.52 12.93
N ARG B 480 5.60 -30.25 12.51
CA ARG B 480 6.66 -29.33 12.91
C ARG B 480 6.77 -29.24 14.42
N ALA B 481 5.63 -29.06 15.10
CA ALA B 481 5.64 -28.93 16.55
C ALA B 481 6.12 -30.22 17.22
N LEU B 482 5.64 -31.37 16.74
CA LEU B 482 6.00 -32.63 17.38
C LEU B 482 7.46 -32.97 17.19
N LEU B 483 8.04 -32.60 16.05
CA LEU B 483 9.44 -32.96 15.77
C LEU B 483 10.38 -32.32 16.78
N LYS B 484 10.14 -31.06 17.13
CA LYS B 484 11.06 -30.33 17.98
C LYS B 484 11.09 -30.95 19.38
N PRO B 485 12.28 -31.07 20.02
CA PRO B 485 12.34 -31.65 21.37
C PRO B 485 12.18 -30.60 22.47
N ALA B 486 11.05 -29.89 22.43
CA ALA B 486 10.73 -28.87 23.42
C ALA B 486 9.99 -29.51 24.59
N PRO B 487 10.38 -29.25 25.86
CA PRO B 487 9.61 -29.81 26.97
C PRO B 487 8.21 -29.23 27.16
N VAL B 488 7.78 -28.27 26.35
CA VAL B 488 6.43 -27.71 26.40
C VAL B 488 5.87 -27.66 24.99
N LEU B 489 4.64 -28.12 24.82
CA LEU B 489 3.99 -28.24 23.51
C LEU B 489 2.63 -27.56 23.59
N LEU B 490 2.56 -26.30 23.17
CA LEU B 490 1.29 -25.58 23.08
C LEU B 490 0.63 -25.88 21.75
N VAL B 491 -0.68 -26.08 21.78
CA VAL B 491 -1.46 -26.41 20.58
C VAL B 491 -2.63 -25.43 20.53
N ASP B 492 -2.44 -24.31 19.83
CA ASP B 492 -3.51 -23.35 19.62
C ASP B 492 -4.36 -23.83 18.45
N GLU B 493 -5.51 -24.43 18.76
CA GLU B 493 -6.29 -25.11 17.73
C GLU B 493 -6.89 -24.12 16.73
N ALA B 494 -6.81 -24.49 15.46
CA ALA B 494 -7.61 -23.90 14.39
C ALA B 494 -8.18 -25.01 13.53
N THR B 495 -8.56 -26.12 14.16
CA THR B 495 -8.95 -27.31 13.44
C THR B 495 -10.22 -27.08 12.64
N SER B 496 -10.22 -27.57 11.40
CA SER B 496 -11.34 -27.40 10.48
C SER B 496 -12.17 -28.67 10.44
N ALA B 497 -13.49 -28.51 10.49
CA ALA B 497 -14.40 -29.64 10.41
C ALA B 497 -14.39 -30.31 9.04
N LEU B 498 -13.79 -29.69 8.03
CA LEU B 498 -13.69 -30.31 6.72
C LEU B 498 -12.68 -31.45 6.67
N ASP B 499 -11.88 -31.64 7.73
CA ASP B 499 -10.87 -32.70 7.78
C ASP B 499 -10.91 -33.32 9.17
N ASN B 500 -11.47 -34.53 9.28
CA ASN B 500 -11.44 -35.24 10.55
C ASN B 500 -10.05 -35.78 10.87
N ALA B 501 -9.23 -36.03 9.84
CA ALA B 501 -7.87 -36.48 10.07
C ALA B 501 -7.07 -35.44 10.85
N ASN B 502 -7.39 -34.16 10.70
CA ASN B 502 -6.75 -33.14 11.52
C ASN B 502 -7.07 -33.33 13.00
N GLU B 503 -8.33 -33.61 13.32
CA GLU B 503 -8.70 -33.87 14.71
C GLU B 503 -8.01 -35.13 15.22
N ALA B 504 -7.94 -36.17 14.39
CA ALA B 504 -7.23 -37.38 14.79
C ALA B 504 -5.75 -37.10 15.04
N ALA B 505 -5.15 -36.25 14.21
CA ALA B 505 -3.75 -35.90 14.39
C ALA B 505 -3.54 -35.13 15.69
N VAL B 506 -4.46 -34.22 16.02
CA VAL B 506 -4.33 -33.48 17.28
C VAL B 506 -4.47 -34.42 18.47
N VAL B 507 -5.43 -35.36 18.41
CA VAL B 507 -5.61 -36.31 19.49
C VAL B 507 -4.36 -37.18 19.63
N ASP B 508 -3.77 -37.59 18.51
CA ASP B 508 -2.53 -38.36 18.57
C ASP B 508 -1.40 -37.54 19.18
N ALA B 509 -1.32 -36.26 18.82
CA ALA B 509 -0.28 -35.40 19.36
C ALA B 509 -0.40 -35.27 20.88
N LEU B 510 -1.63 -35.12 21.37
CA LEU B 510 -1.82 -35.04 22.82
C LEU B 510 -1.74 -36.38 23.52
N THR B 511 -1.87 -37.49 22.79
CA THR B 511 -1.85 -38.84 23.38
C THR B 511 -0.69 -39.69 22.90
N ALA B 512 -0.51 -39.83 21.57
CA ALA B 512 0.47 -40.75 21.03
C ALA B 512 1.91 -40.24 21.15
N ASP B 513 2.12 -39.00 21.54
CA ASP B 513 3.47 -38.47 21.64
C ASP B 513 4.18 -39.11 22.83
N PRO B 514 5.31 -39.81 22.65
CA PRO B 514 5.95 -40.46 23.80
C PRO B 514 6.80 -39.53 24.67
N ARG B 515 7.15 -38.34 24.18
CA ARG B 515 8.01 -37.46 24.96
C ARG B 515 7.26 -36.96 26.19
N PRO B 516 7.85 -37.04 27.41
CA PRO B 516 7.10 -36.57 28.59
C PRO B 516 7.17 -35.06 28.76
N ARG B 517 6.29 -34.35 28.07
CA ARG B 517 6.27 -32.89 28.04
C ARG B 517 4.87 -32.37 28.32
N THR B 518 4.79 -31.30 29.11
CA THR B 518 3.52 -30.65 29.39
C THR B 518 2.93 -30.07 28.12
N ARG B 519 1.60 -30.11 28.02
CA ARG B 519 0.88 -29.67 26.84
C ARG B 519 -0.29 -28.78 27.25
N VAL B 520 -0.49 -27.71 26.50
CA VAL B 520 -1.58 -26.76 26.71
C VAL B 520 -2.30 -26.60 25.38
N ILE B 521 -3.60 -26.87 25.36
CA ILE B 521 -4.40 -26.83 24.13
C ILE B 521 -5.54 -25.84 24.32
N VAL B 522 -5.65 -24.89 23.39
CA VAL B 522 -6.76 -23.95 23.34
C VAL B 522 -7.74 -24.48 22.30
N ALA B 523 -8.82 -25.10 22.76
CA ALA B 523 -9.69 -25.90 21.92
C ALA B 523 -11.05 -25.25 21.72
N HIS B 524 -11.66 -25.55 20.58
CA HIS B 524 -13.03 -25.17 20.26
C HIS B 524 -14.00 -26.33 20.38
N ARG B 525 -13.63 -27.50 19.85
CA ARG B 525 -14.49 -28.66 19.83
C ARG B 525 -14.10 -29.63 20.94
N LEU B 526 -14.97 -30.61 21.18
CA LEU B 526 -14.80 -31.59 22.25
C LEU B 526 -14.02 -32.82 21.81
N ALA B 527 -13.54 -32.87 20.57
CA ALA B 527 -12.77 -34.02 20.13
C ALA B 527 -11.45 -34.13 20.86
N SER B 528 -10.84 -33.00 21.22
CA SER B 528 -9.50 -32.99 21.81
C SER B 528 -9.51 -32.91 23.33
N ILE B 529 -10.36 -32.07 23.93
CA ILE B 529 -10.33 -31.88 25.38
C ILE B 529 -10.96 -33.01 26.16
N ARG B 530 -11.45 -34.06 25.48
CA ARG B 530 -11.87 -35.26 26.21
C ARG B 530 -10.70 -35.87 26.97
N HIS B 531 -9.48 -35.75 26.44
CA HIS B 531 -8.28 -36.26 27.08
C HIS B 531 -7.57 -35.20 27.92
N ALA B 532 -8.31 -34.25 28.46
CA ALA B 532 -7.73 -33.16 29.24
C ALA B 532 -7.71 -33.53 30.71
N ASP B 533 -6.53 -33.46 31.33
CA ASP B 533 -6.44 -33.74 32.76
C ASP B 533 -6.99 -32.60 33.60
N ARG B 534 -6.94 -31.38 33.07
CA ARG B 534 -7.51 -30.22 33.76
C ARG B 534 -7.91 -29.19 32.71
N VAL B 535 -8.75 -28.25 33.12
CA VAL B 535 -9.33 -27.25 32.21
C VAL B 535 -9.27 -25.90 32.89
N LEU B 536 -9.05 -24.86 32.09
CA LEU B 536 -9.09 -23.47 32.53
C LEU B 536 -10.09 -22.72 31.64
N PHE B 537 -11.29 -22.49 32.17
CA PHE B 537 -12.31 -21.74 31.44
C PHE B 537 -11.99 -20.26 31.59
N VAL B 538 -11.44 -19.66 30.55
CA VAL B 538 -10.99 -18.27 30.57
C VAL B 538 -12.07 -17.43 29.89
N GLU B 539 -12.71 -16.56 30.66
CA GLU B 539 -13.75 -15.66 30.17
C GLU B 539 -13.34 -14.22 30.50
N ALA B 540 -13.32 -13.38 29.48
CA ALA B 540 -13.01 -11.95 29.64
C ALA B 540 -11.66 -11.74 30.31
N GLY B 541 -10.70 -12.60 29.98
CA GLY B 541 -9.36 -12.44 30.50
C GLY B 541 -9.17 -12.81 31.95
N ARG B 542 -10.08 -13.59 32.54
CA ARG B 542 -9.98 -14.02 33.92
C ARG B 542 -10.54 -15.42 34.05
N VAL B 543 -9.76 -16.31 34.66
CA VAL B 543 -10.17 -17.71 34.82
C VAL B 543 -11.38 -17.75 35.74
N VAL B 544 -12.50 -18.23 35.20
CA VAL B 544 -13.75 -18.30 35.95
C VAL B 544 -14.03 -19.70 36.50
N GLU B 545 -13.49 -20.75 35.89
CA GLU B 545 -13.67 -22.11 36.37
C GLU B 545 -12.42 -22.92 36.08
N ASP B 546 -11.98 -23.69 37.07
CA ASP B 546 -10.79 -24.51 36.96
C ASP B 546 -11.01 -25.82 37.70
N GLY B 547 -10.50 -26.90 37.13
CA GLY B 547 -10.65 -28.21 37.71
C GLY B 547 -10.60 -29.27 36.63
N ALA B 548 -10.98 -30.49 37.02
CA ALA B 548 -10.99 -31.59 36.08
C ALA B 548 -12.23 -31.51 35.18
N ILE B 549 -12.27 -32.40 34.19
CA ILE B 549 -13.42 -32.45 33.28
C ILE B 549 -14.67 -32.89 34.03
N ASP B 550 -14.61 -34.07 34.64
CA ASP B 550 -15.80 -34.62 35.31
C ASP B 550 -16.23 -33.75 36.47
N GLU B 551 -15.29 -33.12 37.18
CA GLU B 551 -15.65 -32.24 38.28
C GLU B 551 -16.47 -31.06 37.79
N LEU B 552 -16.01 -30.40 36.72
CA LEU B 552 -16.75 -29.26 36.19
C LEU B 552 -18.09 -29.69 35.61
N LEU B 553 -18.14 -30.88 34.99
CA LEU B 553 -19.41 -31.37 34.49
C LEU B 553 -20.40 -31.63 35.62
N ALA B 554 -19.94 -32.22 36.71
CA ALA B 554 -20.82 -32.49 37.85
C ALA B 554 -21.27 -31.19 38.51
N ALA B 555 -20.38 -30.20 38.58
CA ALA B 555 -20.72 -28.93 39.22
C ALA B 555 -21.83 -28.18 38.49
N GLY B 556 -22.04 -28.47 37.21
CA GLY B 556 -23.07 -27.78 36.46
C GLY B 556 -22.80 -26.30 36.30
N GLY B 557 -21.54 -25.92 36.11
CA GLY B 557 -21.15 -24.54 35.96
C GLY B 557 -21.16 -24.09 34.52
N ARG B 558 -20.38 -23.05 34.23
CA ARG B 558 -20.30 -22.53 32.87
C ARG B 558 -19.71 -23.55 31.92
N PHE B 559 -18.70 -24.30 32.37
CA PHE B 559 -18.11 -25.32 31.51
C PHE B 559 -19.11 -26.41 31.18
N ALA B 560 -20.02 -26.73 32.10
CA ALA B 560 -21.08 -27.70 31.78
C ALA B 560 -21.97 -27.17 30.66
N GLN B 561 -22.30 -25.88 30.71
CA GLN B 561 -23.10 -25.27 29.64
C GLN B 561 -22.35 -25.31 28.32
N PHE B 562 -21.04 -25.02 28.35
CA PHE B 562 -20.24 -25.07 27.13
C PHE B 562 -20.20 -26.48 26.57
N TRP B 563 -20.04 -27.48 27.44
CA TRP B 563 -20.04 -28.86 26.99
C TRP B 563 -21.37 -29.24 26.35
N ALA B 564 -22.47 -28.84 26.99
CA ALA B 564 -23.79 -29.14 26.42
C ALA B 564 -23.96 -28.48 25.06
N GLN B 565 -23.54 -27.21 24.94
CA GLN B 565 -23.67 -26.50 23.68
C GLN B 565 -22.86 -27.18 22.58
N GLN B 566 -21.59 -27.50 22.86
CA GLN B 566 -20.75 -28.09 21.82
C GLN B 566 -21.20 -29.50 21.47
N GLN B 567 -21.61 -30.29 22.46
CA GLN B 567 -22.07 -31.64 22.16
C GLN B 567 -23.36 -31.62 21.35
N ALA B 568 -24.28 -30.72 21.68
CA ALA B 568 -25.50 -30.60 20.90
C ALA B 568 -25.21 -30.09 19.50
N ALA B 569 -24.26 -29.17 19.36
CA ALA B 569 -23.97 -28.59 18.05
C ALA B 569 -23.42 -29.62 17.08
N SER B 570 -22.63 -30.58 17.57
CA SER B 570 -22.05 -31.59 16.69
C SER B 570 -23.12 -32.46 16.04
N GLU B 571 -24.29 -32.60 16.65
CA GLU B 571 -25.37 -33.43 16.14
C GLU B 571 -26.40 -32.62 15.35
N TRP B 572 -25.94 -31.57 14.66
CA TRP B 572 -26.83 -30.65 13.97
C TRP B 572 -27.02 -31.08 12.52
N ALA B 573 -28.24 -30.94 12.02
CA ALA B 573 -28.56 -31.25 10.64
C ALA B 573 -29.75 -30.41 10.20
N ILE B 574 -29.69 -29.91 8.97
CA ILE B 574 -30.72 -29.01 8.46
C ILE B 574 -31.92 -29.82 8.00
N GLY B 575 -33.10 -29.23 8.13
CA GLY B 575 -34.32 -29.83 7.64
C GLY B 575 -34.98 -30.82 8.57
N SER B 576 -34.51 -30.95 9.81
CA SER B 576 -35.12 -31.87 10.75
C SER B 576 -34.78 -31.40 12.16
N THR B 577 -35.56 -31.89 13.13
CA THR B 577 -35.37 -31.55 14.53
C THR B 577 -35.64 -32.76 15.42
#